data_8J8L
#
_entry.id   8J8L
#
_cell.length_a   1.00
_cell.length_b   1.00
_cell.length_c   1.00
_cell.angle_alpha   90.00
_cell.angle_beta   90.00
_cell.angle_gamma   90.00
#
_symmetry.space_group_name_H-M   'P 1'
#
loop_
_entity.id
_entity.type
_entity.pdbx_description
1 polymer '4F2 cell-surface antigen heavy chain'
2 polymer 'Large neutral amino acids transporter small subunit 1'
3 branched 2-acetamido-2-deoxy-beta-D-glucopyranose-(1-4)-2-acetamido-2-deoxy-beta-D-glucopyranose
4 non-polymer 3,4-DIHYDROXYPHENYLALANINE
#
loop_
_entity_poly.entity_id
_entity_poly.type
_entity_poly.pdbx_seq_one_letter_code
_entity_poly.pdbx_strand_id
1 'polypeptide(L)'
;MAHHHHHHHHHHSGRELQPPEASIAVVSIPRQLPGSHSEAGVQGLSAGDDSETGSDCVTQAGLQLLASSDPPALASKNAE
VTVETGFHHVSQADIEFLTSIDPTASASGSAGITGTMSQDTEVDMKEVELNELEPEKQPMNAASGAAMSLAGAEKNGLVK
IKVAEDEAEAAAAAKFTGLSKEELLKVAGSPGWVRTRWALLLLFWLGWLGMLAGAVVIIVRAPRCRELPAQKWWHTGALY
RIGDLQAFQGHGAGNLAGLKGRLDYLSSLKVKGLVLGPIHKNQKDDVAQTDLLQIDPNFGSKEDFDSLLQSAKKKSIRVI
LDLTPNYRGENSWFSTQVDTVATKVKDALEFWLQAGVDGFQVRDIENLKDASSFLAEWQNITKGFSEDRLLIAGTNSSDL
QQILSLLESNKDLLLTSSYLSDSGSTGEHTKSLVTQYLNATGNRWCSWSLSQARLLTSFLPAQLLRLYQLMLFTLPGTPV
FSYGDEIGLDAAALPGQPMEAPVMLWDESSFPDIPGAVSANMTVKGQSEDPGSLLSLFRRLSDQRSKERSLLHGDFHAFS
AGPGLFSYIRHWDQNERFLVVLNFGDVGLSAGLQASDLPASASLPAKADLLLSTQPGREEGSPLELERLKLEPHEGLLLR
FPYAALE
;
A
2 'polypeptide(L)'
;MADYKDDDDKSGPDEVDASGRAGAGPKRRALAAPAAEEKEEAREKMLAAKSADGSAPAGEGEGVTLQRNITLLNGVAIIV
GTIIGSGIFVTPTGVLKEAGSPGLALVVWAACGVFSIVGALCYAELGTTISKSGGDYAYMLEVYGSLPAFLKLWIELLII
RPSSQYIVALVFATYLLKPLFPTCPVPEEAAKLVACLCVLLLTAVNCYSVKAATRVQDAFAAAKLLALALIILLGFVQIG
KGDVSNLDPNFSFEGTKLDVGNIVLALYSGLFAYGGWNYLNFVTEEMINPYRNLPLAIIISLPIVTLVYVLTNLAYFTTL
STEQMLSSEAVAVDFGNYHLGVMSWIIPVFVGLSCFGSVNGSLFTSSRLFFVGSREGHLPSILSMIHPQLLTPVPSLVFT
CVMTLLYAFSKDIFSVINFFSFFNWLCVALAIIGMIWLRHRKPELERPIKVNLALPVFFILACLFLIAVSFWKTPVECGI
GFTIILSGLPVYFFGVWWKNKPKWLLQGIFSTTVLCQKLMQVVPQET
;
B
#
# COMPACT_ATOMS: atom_id res chain seq x y z
N PHE A 176 -27.43 44.99 11.64
CA PHE A 176 -26.56 45.84 10.84
C PHE A 176 -26.65 45.48 9.36
N THR A 177 -26.85 46.49 8.53
CA THR A 177 -26.97 46.32 7.07
C THR A 177 -28.04 45.31 6.71
N GLY A 178 -29.08 45.21 7.54
CA GLY A 178 -30.15 44.26 7.31
C GLY A 178 -31.36 44.63 8.11
N LEU A 179 -32.47 43.98 7.76
CA LEU A 179 -33.74 44.27 8.42
C LEU A 179 -33.69 43.83 9.88
N SER A 180 -34.35 44.61 10.74
CA SER A 180 -34.33 44.33 12.18
C SER A 180 -35.13 43.07 12.50
N LYS A 181 -34.97 42.59 13.73
CA LYS A 181 -35.62 41.34 14.14
C LYS A 181 -37.14 41.49 14.14
N GLU A 182 -37.65 42.50 14.84
CA GLU A 182 -39.10 42.63 15.00
C GLU A 182 -39.79 42.91 13.67
N GLU A 183 -39.18 43.76 12.84
CA GLU A 183 -39.75 44.03 11.52
C GLU A 183 -39.75 42.79 10.66
N LEU A 184 -38.67 42.01 10.72
CA LEU A 184 -38.61 40.79 9.92
C LEU A 184 -39.65 39.77 10.38
N LEU A 185 -39.80 39.59 11.69
CA LEU A 185 -40.79 38.63 12.16
C LEU A 185 -42.22 39.12 11.91
N LYS A 186 -42.40 40.43 11.80
CA LYS A 186 -43.72 40.96 11.45
C LYS A 186 -44.00 40.76 9.96
N VAL A 187 -42.99 40.89 9.12
CA VAL A 187 -43.23 40.87 7.68
C VAL A 187 -43.21 39.44 7.12
N ALA A 188 -42.45 38.53 7.72
CA ALA A 188 -42.31 37.18 7.21
C ALA A 188 -43.33 36.23 7.86
N GLY A 189 -44.59 36.61 7.80
CA GLY A 189 -45.66 35.74 8.29
C GLY A 189 -46.79 35.65 7.29
N SER A 190 -46.76 36.53 6.29
CA SER A 190 -47.79 36.53 5.27
C SER A 190 -47.64 35.31 4.36
N PRO A 191 -48.76 34.83 3.79
CA PRO A 191 -48.66 33.75 2.81
C PRO A 191 -47.82 34.16 1.61
N GLY A 192 -47.11 33.19 1.05
CA GLY A 192 -46.16 33.43 -0.02
C GLY A 192 -44.71 33.35 0.40
N TRP A 193 -44.42 33.31 1.69
CA TRP A 193 -43.06 33.11 2.17
C TRP A 193 -42.89 31.81 2.95
N VAL A 194 -43.89 31.37 3.71
CA VAL A 194 -43.85 30.04 4.29
C VAL A 194 -44.03 28.96 3.23
N ARG A 195 -44.89 29.22 2.24
CA ARG A 195 -45.05 28.29 1.13
C ARG A 195 -43.75 28.13 0.36
N THR A 196 -43.02 29.23 0.14
CA THR A 196 -41.75 29.13 -0.57
C THR A 196 -40.74 28.30 0.21
N ARG A 197 -40.65 28.51 1.52
CA ARG A 197 -39.73 27.72 2.33
C ARG A 197 -40.10 26.24 2.30
N TRP A 198 -41.40 25.95 2.40
CA TRP A 198 -41.83 24.55 2.35
C TRP A 198 -41.51 23.92 1.02
N ALA A 199 -41.72 24.65 -0.07
CA ALA A 199 -41.39 24.13 -1.40
C ALA A 199 -39.90 23.85 -1.52
N LEU A 200 -39.07 24.76 -1.03
CA LEU A 200 -37.62 24.56 -1.11
C LEU A 200 -37.19 23.36 -0.28
N LEU A 201 -37.76 23.21 0.91
CA LEU A 201 -37.45 22.04 1.73
C LEU A 201 -37.83 20.75 1.02
N LEU A 202 -39.02 20.72 0.41
CA LEU A 202 -39.44 19.54 -0.32
C LEU A 202 -38.50 19.25 -1.49
N LEU A 203 -38.10 20.29 -2.23
CA LEU A 203 -37.22 20.09 -3.37
C LEU A 203 -35.87 19.51 -2.93
N PHE A 204 -35.30 20.07 -1.85
CA PHE A 204 -34.03 19.55 -1.35
C PHE A 204 -34.17 18.09 -0.93
N TRP A 205 -35.22 17.78 -0.18
CA TRP A 205 -35.32 16.44 0.37
C TRP A 205 -35.65 15.42 -0.69
N LEU A 206 -36.33 15.81 -1.77
CA LEU A 206 -36.52 14.90 -2.89
C LEU A 206 -35.26 14.74 -3.73
N GLY A 207 -34.48 15.81 -3.89
CA GLY A 207 -33.21 15.68 -4.58
C GLY A 207 -32.25 14.74 -3.86
N TRP A 208 -32.29 14.74 -2.53
CA TRP A 208 -31.45 13.81 -1.78
C TRP A 208 -31.80 12.36 -2.10
N LEU A 209 -33.09 12.03 -2.11
CA LEU A 209 -33.50 10.67 -2.43
C LEU A 209 -33.20 10.33 -3.88
N GLY A 210 -33.31 11.31 -4.78
CA GLY A 210 -32.90 11.08 -6.15
C GLY A 210 -31.43 10.72 -6.28
N MET A 211 -30.58 11.43 -5.54
CA MET A 211 -29.16 11.11 -5.53
C MET A 211 -28.91 9.72 -4.96
N LEU A 212 -29.64 9.36 -3.89
CA LEU A 212 -29.49 8.03 -3.33
C LEU A 212 -29.88 6.95 -4.34
N ALA A 213 -30.98 7.15 -5.06
CA ALA A 213 -31.40 6.19 -6.07
C ALA A 213 -30.37 6.09 -7.18
N GLY A 214 -29.81 7.22 -7.61
CA GLY A 214 -28.77 7.17 -8.62
C GLY A 214 -27.55 6.40 -8.15
N ALA A 215 -27.15 6.61 -6.89
CA ALA A 215 -26.01 5.88 -6.36
C ALA A 215 -26.27 4.38 -6.32
N VAL A 216 -27.46 3.97 -5.89
CA VAL A 216 -27.73 2.54 -5.79
C VAL A 216 -27.82 1.91 -7.19
N VAL A 217 -28.36 2.64 -8.16
CA VAL A 217 -28.40 2.12 -9.53
C VAL A 217 -26.99 1.99 -10.07
N ILE A 218 -26.13 2.96 -9.79
CA ILE A 218 -24.73 2.88 -10.24
C ILE A 218 -24.07 1.66 -9.62
N ILE A 219 -24.30 1.42 -8.33
CA ILE A 219 -23.68 0.28 -7.65
C ILE A 219 -24.13 -1.03 -8.27
N VAL A 220 -25.45 -1.17 -8.51
CA VAL A 220 -25.97 -2.43 -9.02
C VAL A 220 -25.44 -2.70 -10.43
N ARG A 221 -25.49 -1.69 -11.30
CA ARG A 221 -25.09 -1.86 -12.70
C ARG A 221 -23.56 -1.74 -12.85
N ALA A 222 -22.87 -2.80 -12.42
CA ALA A 222 -21.43 -2.90 -12.57
C ALA A 222 -21.03 -4.36 -12.39
N PRO A 223 -20.02 -4.83 -13.12
CA PRO A 223 -19.50 -6.18 -12.87
C PRO A 223 -18.96 -6.27 -11.45
N ARG A 224 -19.21 -7.41 -10.79
CA ARG A 224 -18.95 -7.48 -9.36
C ARG A 224 -17.45 -7.56 -9.09
N CYS A 225 -16.83 -8.69 -9.43
CA CYS A 225 -15.39 -8.88 -9.30
C CYS A 225 -15.03 -10.29 -9.75
N ARG A 226 -13.75 -10.62 -9.77
CA ARG A 226 -13.30 -11.97 -10.07
C ARG A 226 -12.57 -12.52 -8.85
N GLU A 227 -12.97 -13.72 -8.42
CA GLU A 227 -12.44 -14.30 -7.20
C GLU A 227 -11.01 -14.81 -7.41
N LEU A 228 -10.21 -14.75 -6.35
CA LEU A 228 -8.85 -15.22 -6.41
C LEU A 228 -8.82 -16.75 -6.49
N PRO A 229 -7.80 -17.33 -7.12
CA PRO A 229 -7.75 -18.78 -7.28
C PRO A 229 -7.14 -19.53 -6.10
N ALA A 230 -6.83 -18.87 -5.00
CA ALA A 230 -6.31 -19.51 -3.79
C ALA A 230 -5.00 -20.25 -4.09
N GLN A 231 -3.99 -19.46 -4.43
CA GLN A 231 -2.69 -20.01 -4.81
C GLN A 231 -2.02 -20.72 -3.65
N LYS A 232 -1.21 -21.72 -3.98
CA LYS A 232 -0.35 -22.39 -3.02
C LYS A 232 0.95 -21.59 -2.88
N TRP A 233 1.94 -22.16 -2.18
CA TRP A 233 3.18 -21.42 -1.96
C TRP A 233 4.07 -21.40 -3.19
N TRP A 234 4.08 -22.46 -3.99
CA TRP A 234 4.99 -22.55 -5.12
C TRP A 234 4.46 -21.87 -6.38
N HIS A 235 3.27 -21.28 -6.33
CA HIS A 235 2.78 -20.47 -7.43
C HIS A 235 3.33 -19.05 -7.42
N THR A 236 3.98 -18.64 -6.33
CA THR A 236 4.28 -17.24 -6.10
C THR A 236 5.72 -16.84 -6.40
N GLY A 237 6.50 -17.71 -7.04
CA GLY A 237 7.86 -17.34 -7.35
C GLY A 237 8.62 -18.45 -8.05
N ALA A 238 9.90 -18.18 -8.28
CA ALA A 238 10.78 -19.10 -8.98
C ALA A 238 11.48 -20.02 -7.99
N LEU A 239 11.77 -21.23 -8.44
CA LEU A 239 12.51 -22.19 -7.65
C LEU A 239 14.00 -22.06 -7.92
N TYR A 240 14.79 -22.82 -7.18
CA TYR A 240 16.25 -22.73 -7.24
C TYR A 240 16.82 -24.10 -6.95
N ARG A 241 17.61 -24.64 -7.88
CA ARG A 241 18.18 -25.97 -7.73
C ARG A 241 19.65 -25.86 -7.30
N ILE A 242 20.12 -26.88 -6.59
CA ILE A 242 21.51 -26.98 -6.17
C ILE A 242 21.95 -28.42 -6.43
N GLY A 243 22.69 -28.63 -7.52
CA GLY A 243 23.08 -29.99 -7.88
C GLY A 243 24.27 -30.54 -7.12
N ASP A 244 25.13 -29.65 -6.61
CA ASP A 244 26.30 -30.10 -5.86
C ASP A 244 26.48 -29.17 -4.67
N LEU A 245 26.22 -29.71 -3.47
CA LEU A 245 26.27 -28.88 -2.27
C LEU A 245 27.69 -28.40 -1.98
N GLN A 246 28.68 -29.27 -2.18
CA GLN A 246 30.06 -28.90 -1.89
C GLN A 246 30.53 -27.77 -2.80
N ALA A 247 30.18 -27.83 -4.08
CA ALA A 247 30.68 -26.86 -5.05
C ALA A 247 29.89 -25.55 -5.05
N PHE A 248 28.80 -25.45 -4.29
CA PHE A 248 28.03 -24.22 -4.28
C PHE A 248 28.84 -23.06 -3.71
N GLN A 249 29.58 -23.29 -2.63
CA GLN A 249 30.37 -22.23 -2.00
C GLN A 249 31.87 -22.52 -2.05
N GLY A 250 32.30 -23.40 -2.95
CA GLY A 250 33.70 -23.71 -3.08
C GLY A 250 34.12 -24.88 -2.20
N HIS A 251 35.24 -25.50 -2.58
CA HIS A 251 35.75 -26.64 -1.85
C HIS A 251 36.33 -26.21 -0.50
N GLY A 252 36.39 -27.17 0.43
CA GLY A 252 36.88 -26.90 1.76
C GLY A 252 35.86 -26.36 2.74
N ALA A 253 34.63 -26.10 2.28
CA ALA A 253 33.59 -25.60 3.16
C ALA A 253 32.23 -26.25 2.89
N GLY A 254 32.19 -27.35 2.13
CA GLY A 254 30.92 -27.98 1.80
C GLY A 254 30.31 -28.72 2.98
N ASN A 255 29.23 -28.16 3.52
CA ASN A 255 28.55 -28.79 4.64
C ASN A 255 27.12 -28.24 4.72
N LEU A 256 26.26 -29.00 5.38
CA LEU A 256 24.86 -28.59 5.50
C LEU A 256 24.72 -27.27 6.25
N ALA A 257 25.47 -27.11 7.34
CA ALA A 257 25.42 -25.87 8.11
C ALA A 257 26.02 -24.69 7.36
N GLY A 258 26.82 -24.94 6.32
CA GLY A 258 27.35 -23.84 5.54
C GLY A 258 26.29 -23.05 4.80
N LEU A 259 25.21 -23.72 4.41
CA LEU A 259 24.17 -23.05 3.65
C LEU A 259 23.50 -21.93 4.44
N LYS A 260 23.42 -22.07 5.77
CA LYS A 260 22.67 -21.09 6.55
C LYS A 260 23.30 -19.71 6.53
N GLY A 261 24.55 -19.59 6.09
CA GLY A 261 25.19 -18.30 5.91
C GLY A 261 24.97 -17.67 4.56
N ARG A 262 24.17 -18.31 3.70
CA ARG A 262 23.97 -17.85 2.33
C ARG A 262 22.53 -17.44 2.05
N LEU A 263 21.58 -17.81 2.92
CA LEU A 263 20.17 -17.54 2.62
C LEU A 263 19.90 -16.06 2.38
N ASP A 264 20.64 -15.18 3.05
CA ASP A 264 20.49 -13.75 2.81
C ASP A 264 20.64 -13.44 1.32
N TYR A 265 21.72 -13.95 0.70
CA TYR A 265 21.88 -13.81 -0.74
C TYR A 265 20.68 -14.38 -1.48
N LEU A 266 20.24 -15.58 -1.08
CA LEU A 266 19.03 -16.13 -1.67
C LEU A 266 17.83 -15.24 -1.39
N SER A 267 17.74 -14.69 -0.17
CA SER A 267 16.67 -13.76 0.13
C SER A 267 16.76 -12.52 -0.75
N SER A 268 17.97 -12.20 -1.20
CA SER A 268 18.12 -11.10 -2.16
C SER A 268 17.42 -11.41 -3.47
N LEU A 269 17.51 -12.66 -3.92
CA LEU A 269 16.86 -13.07 -5.16
C LEU A 269 15.36 -13.26 -5.02
N LYS A 270 14.85 -13.29 -3.79
CA LYS A 270 13.43 -13.48 -3.53
C LYS A 270 12.89 -14.75 -4.17
N VAL A 271 13.66 -15.84 -4.07
CA VAL A 271 13.16 -17.14 -4.51
C VAL A 271 12.20 -17.68 -3.46
N LYS A 272 11.47 -18.73 -3.84
CA LYS A 272 10.52 -19.38 -2.93
C LYS A 272 10.84 -20.85 -2.70
N GLY A 273 11.90 -21.39 -3.30
CA GLY A 273 12.24 -22.78 -3.12
C GLY A 273 13.74 -22.98 -3.08
N LEU A 274 14.13 -24.17 -2.65
CA LEU A 274 15.55 -24.53 -2.57
C LEU A 274 15.63 -26.05 -2.73
N VAL A 275 15.90 -26.49 -3.95
CA VAL A 275 15.88 -27.92 -4.28
C VAL A 275 17.29 -28.44 -4.01
N LEU A 276 17.52 -28.91 -2.79
CA LEU A 276 18.82 -29.45 -2.44
C LEU A 276 19.09 -30.74 -3.21
N GLY A 277 20.37 -31.03 -3.41
CA GLY A 277 20.77 -32.24 -4.07
C GLY A 277 20.61 -33.44 -3.15
N PRO A 278 20.80 -34.64 -3.70
CA PRO A 278 20.67 -35.85 -2.89
C PRO A 278 21.74 -35.88 -1.80
N ILE A 279 21.31 -36.10 -0.57
CA ILE A 279 22.20 -36.10 0.59
C ILE A 279 22.13 -37.40 1.36
N HIS A 280 21.48 -38.43 0.81
CA HIS A 280 21.41 -39.72 1.47
C HIS A 280 22.70 -40.49 1.29
N LYS A 281 22.75 -41.69 1.86
CA LYS A 281 23.94 -42.53 1.80
C LYS A 281 23.87 -43.44 0.58
N ASN A 282 24.76 -43.20 -0.38
CA ASN A 282 24.81 -43.99 -1.62
C ASN A 282 26.23 -43.93 -2.15
N GLN A 283 26.93 -45.07 -2.12
CA GLN A 283 28.32 -45.09 -2.56
C GLN A 283 28.45 -45.58 -3.99
N LYS A 284 27.66 -46.58 -4.37
CA LYS A 284 27.71 -47.10 -5.72
C LYS A 284 26.37 -47.71 -6.13
N ASP A 285 26.40 -48.63 -7.08
CA ASP A 285 25.17 -49.30 -7.51
C ASP A 285 24.82 -50.37 -6.50
N ASP A 286 25.56 -50.43 -5.39
CA ASP A 286 25.22 -51.37 -4.34
C ASP A 286 23.85 -51.01 -3.85
N VAL A 287 23.00 -52.00 -3.62
CA VAL A 287 21.64 -51.73 -3.20
C VAL A 287 21.39 -52.19 -1.77
N ALA A 288 22.00 -53.32 -1.40
CA ALA A 288 21.77 -53.86 -0.06
C ALA A 288 21.96 -52.81 1.03
N GLN A 289 23.01 -51.99 0.91
CA GLN A 289 23.37 -51.04 1.96
C GLN A 289 23.29 -49.59 1.49
N THR A 290 22.45 -49.33 0.49
CA THR A 290 22.17 -47.96 0.05
C THR A 290 20.84 -47.54 0.68
N ASP A 291 20.92 -46.61 1.63
CA ASP A 291 19.76 -46.20 2.42
C ASP A 291 19.39 -44.76 2.10
N LEU A 292 18.08 -44.51 2.06
CA LEU A 292 17.55 -43.17 1.84
C LEU A 292 17.25 -42.43 3.14
N LEU A 293 17.54 -43.04 4.29
CA LEU A 293 17.18 -42.47 5.58
C LEU A 293 18.36 -41.90 6.34
N GLN A 294 19.59 -42.26 5.98
CA GLN A 294 20.78 -41.85 6.70
C GLN A 294 21.52 -40.78 5.91
N ILE A 295 21.71 -39.62 6.53
CA ILE A 295 22.46 -38.55 5.89
C ILE A 295 23.94 -38.91 5.82
N ASP A 296 24.54 -38.68 4.67
CA ASP A 296 25.96 -38.94 4.50
C ASP A 296 26.76 -38.05 5.46
N PRO A 297 27.63 -38.62 6.30
CA PRO A 297 28.39 -37.79 7.24
C PRO A 297 29.28 -36.76 6.57
N ASN A 298 29.66 -36.98 5.30
CA ASN A 298 30.49 -36.00 4.60
C ASN A 298 29.77 -34.66 4.48
N PHE A 299 28.43 -34.67 4.40
CA PHE A 299 27.68 -33.42 4.30
C PHE A 299 27.48 -32.79 5.67
N GLY A 300 26.82 -33.51 6.58
CA GLY A 300 26.55 -32.97 7.90
C GLY A 300 25.88 -33.96 8.84
N SER A 301 24.88 -33.50 9.57
CA SER A 301 24.19 -34.34 10.55
C SER A 301 22.71 -33.96 10.56
N LYS A 302 21.93 -34.80 11.24
CA LYS A 302 20.49 -34.55 11.34
C LYS A 302 20.20 -33.23 12.06
N GLU A 303 20.99 -32.93 13.10
CA GLU A 303 20.81 -31.67 13.80
C GLU A 303 21.11 -30.48 12.88
N ASP A 304 22.12 -30.62 12.03
CA ASP A 304 22.41 -29.57 11.05
C ASP A 304 21.24 -29.38 10.10
N PHE A 305 20.63 -30.48 9.65
CA PHE A 305 19.47 -30.38 8.78
C PHE A 305 18.30 -29.69 9.48
N ASP A 306 18.07 -30.03 10.74
CA ASP A 306 17.00 -29.38 11.49
C ASP A 306 17.26 -27.89 11.64
N SER A 307 18.51 -27.51 11.93
CA SER A 307 18.85 -26.11 12.04
C SER A 307 18.63 -25.38 10.71
N LEU A 308 19.01 -26.03 9.61
CA LEU A 308 18.81 -25.43 8.29
C LEU A 308 17.32 -25.21 8.02
N LEU A 309 16.50 -26.21 8.34
CA LEU A 309 15.06 -26.07 8.13
C LEU A 309 14.48 -24.96 8.98
N GLN A 310 14.91 -24.87 10.25
CA GLN A 310 14.39 -23.83 11.13
C GLN A 310 14.79 -22.44 10.64
N SER A 311 16.04 -22.29 10.23
CA SER A 311 16.50 -21.00 9.71
C SER A 311 15.76 -20.63 8.43
N ALA A 312 15.53 -21.61 7.55
CA ALA A 312 14.76 -21.34 6.34
C ALA A 312 13.34 -20.94 6.66
N LYS A 313 12.71 -21.60 7.64
CA LYS A 313 11.36 -21.24 8.04
C LYS A 313 11.32 -19.82 8.58
N LYS A 314 12.33 -19.43 9.37
CA LYS A 314 12.41 -18.05 9.82
C LYS A 314 12.57 -17.09 8.65
N LYS A 315 13.26 -17.51 7.59
CA LYS A 315 13.46 -16.69 6.41
C LYS A 315 12.37 -16.87 5.36
N SER A 316 11.39 -17.75 5.63
CA SER A 316 10.30 -18.02 4.68
C SER A 316 10.82 -18.51 3.34
N ILE A 317 11.80 -19.41 3.38
CA ILE A 317 12.33 -20.08 2.19
C ILE A 317 12.05 -21.57 2.33
N ARG A 318 11.17 -22.08 1.49
CA ARG A 318 10.77 -23.49 1.58
C ARG A 318 11.85 -24.38 0.98
N VAL A 319 12.07 -25.53 1.61
CA VAL A 319 13.14 -26.45 1.25
C VAL A 319 12.52 -27.71 0.66
N ILE A 320 13.01 -28.11 -0.51
CA ILE A 320 12.58 -29.34 -1.17
C ILE A 320 13.79 -30.28 -1.24
N LEU A 321 13.60 -31.51 -0.80
CA LEU A 321 14.68 -32.48 -0.73
C LEU A 321 14.63 -33.40 -1.93
N ASP A 322 15.78 -33.61 -2.56
CA ASP A 322 15.87 -34.55 -3.67
C ASP A 322 15.89 -35.98 -3.16
N LEU A 323 15.43 -36.90 -4.00
CA LEU A 323 15.50 -38.32 -3.72
C LEU A 323 15.79 -39.06 -5.02
N THR A 324 16.94 -39.70 -5.09
CA THR A 324 17.29 -40.55 -6.22
C THR A 324 18.20 -41.67 -5.71
N PRO A 325 17.81 -42.94 -5.89
CA PRO A 325 18.60 -44.03 -5.30
C PRO A 325 20.06 -44.02 -5.71
N ASN A 326 20.36 -43.66 -6.96
CA ASN A 326 21.73 -43.52 -7.42
C ASN A 326 21.92 -42.12 -7.97
N TYR A 327 22.82 -41.35 -7.33
CA TYR A 327 23.22 -40.07 -7.86
C TYR A 327 24.72 -39.97 -8.08
N ARG A 328 25.50 -40.96 -7.65
CA ARG A 328 26.92 -41.02 -7.93
C ARG A 328 27.28 -42.09 -8.95
N GLY A 329 26.35 -42.97 -9.28
CA GLY A 329 26.58 -44.02 -10.25
C GLY A 329 26.18 -43.62 -11.65
N GLU A 330 26.13 -44.62 -12.53
CA GLU A 330 25.77 -44.38 -13.93
C GLU A 330 24.25 -44.40 -14.12
N ASN A 331 23.62 -45.53 -13.79
CA ASN A 331 22.17 -45.66 -13.84
C ASN A 331 21.59 -45.25 -12.49
N SER A 332 20.54 -44.44 -12.54
CA SER A 332 19.96 -43.86 -11.34
C SER A 332 18.94 -44.77 -10.66
N TRP A 333 18.68 -45.96 -11.21
CA TRP A 333 17.73 -46.90 -10.62
C TRP A 333 18.27 -48.31 -10.55
N PHE A 334 19.60 -48.46 -10.45
CA PHE A 334 20.25 -49.73 -10.11
C PHE A 334 20.14 -50.78 -11.20
N SER A 335 19.40 -50.49 -12.27
CA SER A 335 19.22 -51.44 -13.38
C SER A 335 18.76 -52.81 -12.88
N THR A 336 17.89 -52.79 -11.86
CA THR A 336 17.45 -54.00 -11.19
C THR A 336 15.95 -53.87 -10.96
N GLN A 337 15.31 -54.91 -10.43
CA GLN A 337 13.89 -54.86 -10.12
C GLN A 337 13.59 -53.68 -9.20
N VAL A 338 12.54 -52.93 -9.54
CA VAL A 338 12.32 -51.64 -8.89
C VAL A 338 11.41 -51.73 -7.68
N ASP A 339 11.02 -52.94 -7.26
CA ASP A 339 10.12 -53.06 -6.12
C ASP A 339 10.79 -52.57 -4.83
N THR A 340 12.02 -53.01 -4.58
CA THR A 340 12.70 -52.66 -3.34
C THR A 340 12.98 -51.16 -3.26
N VAL A 341 13.44 -50.56 -4.36
CA VAL A 341 13.73 -49.14 -4.34
C VAL A 341 12.44 -48.33 -4.20
N ALA A 342 11.36 -48.78 -4.84
CA ALA A 342 10.08 -48.11 -4.67
C ALA A 342 9.62 -48.17 -3.22
N THR A 343 9.75 -49.33 -2.58
CA THR A 343 9.35 -49.45 -1.19
C THR A 343 10.20 -48.56 -0.28
N LYS A 344 11.51 -48.54 -0.51
CA LYS A 344 12.36 -47.75 0.38
C LYS A 344 12.13 -46.26 0.19
N VAL A 345 11.90 -45.81 -1.05
CA VAL A 345 11.62 -44.39 -1.25
C VAL A 345 10.24 -44.04 -0.70
N LYS A 346 9.29 -44.97 -0.77
CA LYS A 346 7.98 -44.73 -0.16
C LYS A 346 8.10 -44.57 1.35
N ASP A 347 8.93 -45.40 1.99
CA ASP A 347 9.17 -45.24 3.42
C ASP A 347 9.89 -43.93 3.70
N ALA A 348 10.85 -43.56 2.85
CA ALA A 348 11.60 -42.33 3.07
C ALA A 348 10.71 -41.10 2.96
N LEU A 349 9.70 -41.14 2.09
CA LEU A 349 8.78 -40.02 1.97
C LEU A 349 8.12 -39.71 3.32
N GLU A 350 7.52 -40.73 3.94
CA GLU A 350 6.84 -40.51 5.20
C GLU A 350 7.81 -40.24 6.33
N PHE A 351 9.02 -40.81 6.28
CA PHE A 351 9.99 -40.50 7.32
C PHE A 351 10.44 -39.04 7.25
N TRP A 352 10.67 -38.53 6.05
CA TRP A 352 11.15 -37.16 5.91
C TRP A 352 10.04 -36.14 6.12
N LEU A 353 8.79 -36.49 5.80
CA LEU A 353 7.71 -35.54 6.01
C LEU A 353 7.51 -35.20 7.49
N GLN A 354 7.94 -36.08 8.39
CA GLN A 354 7.89 -35.76 9.81
C GLN A 354 8.83 -34.60 10.15
N ALA A 355 10.02 -34.57 9.54
CA ALA A 355 10.99 -33.55 9.86
C ALA A 355 10.48 -32.16 9.48
N GLY A 356 9.83 -32.05 8.32
CA GLY A 356 9.27 -30.77 7.93
C GLY A 356 9.67 -30.31 6.54
N VAL A 357 10.15 -31.23 5.70
CA VAL A 357 10.42 -30.88 4.31
C VAL A 357 9.12 -30.51 3.62
N ASP A 358 9.21 -29.63 2.62
CA ASP A 358 8.03 -29.09 1.96
C ASP A 358 7.81 -29.67 0.57
N GLY A 359 8.41 -30.81 0.28
CA GLY A 359 8.24 -31.42 -1.02
C GLY A 359 9.34 -32.43 -1.29
N PHE A 360 9.33 -32.93 -2.52
CA PHE A 360 10.32 -33.90 -2.96
C PHE A 360 10.55 -33.74 -4.45
N GLN A 361 11.71 -34.20 -4.91
CA GLN A 361 12.04 -34.20 -6.32
C GLN A 361 12.71 -35.51 -6.69
N VAL A 362 12.28 -36.08 -7.80
CA VAL A 362 12.89 -37.29 -8.37
C VAL A 362 13.26 -37.00 -9.81
N ARG A 363 14.45 -37.47 -10.20
CA ARG A 363 14.99 -37.18 -11.52
C ARG A 363 15.21 -38.47 -12.29
N ASP A 364 15.28 -38.33 -13.62
CA ASP A 364 15.55 -39.45 -14.52
C ASP A 364 14.52 -40.57 -14.35
N ILE A 365 13.25 -40.18 -14.27
CA ILE A 365 12.18 -41.16 -14.12
C ILE A 365 11.93 -41.97 -15.39
N GLU A 366 12.46 -41.52 -16.53
CA GLU A 366 12.29 -42.27 -17.76
C GLU A 366 12.99 -43.62 -17.72
N ASN A 367 13.96 -43.80 -16.83
CA ASN A 367 14.64 -45.07 -16.65
C ASN A 367 13.97 -45.94 -15.59
N LEU A 368 12.77 -45.58 -15.16
CA LEU A 368 12.02 -46.32 -14.15
C LEU A 368 10.90 -47.09 -14.82
N LYS A 369 10.86 -48.40 -14.60
CA LYS A 369 9.85 -49.25 -15.22
C LYS A 369 8.48 -48.94 -14.62
N ASP A 370 7.48 -48.83 -15.49
CA ASP A 370 6.09 -48.58 -15.09
C ASP A 370 6.00 -47.31 -14.25
N ALA A 371 6.43 -46.21 -14.86
CA ALA A 371 6.60 -44.96 -14.12
C ALA A 371 5.26 -44.39 -13.65
N SER A 372 4.23 -44.50 -14.48
CA SER A 372 2.97 -43.80 -14.21
C SER A 372 2.36 -44.25 -12.88
N SER A 373 2.32 -45.56 -12.64
CA SER A 373 1.73 -46.06 -11.40
C SER A 373 2.50 -45.58 -10.18
N PHE A 374 3.83 -45.64 -10.25
CA PHE A 374 4.65 -45.18 -9.12
C PHE A 374 4.45 -43.69 -8.86
N LEU A 375 4.41 -42.88 -9.93
CA LEU A 375 4.21 -41.45 -9.74
C LEU A 375 2.85 -41.16 -9.15
N ALA A 376 1.80 -41.86 -9.61
CA ALA A 376 0.47 -41.64 -9.06
C ALA A 376 0.42 -42.00 -7.59
N GLU A 377 1.02 -43.13 -7.22
CA GLU A 377 1.02 -43.55 -5.81
C GLU A 377 1.80 -42.56 -4.95
N TRP A 378 2.96 -42.11 -5.43
CA TRP A 378 3.75 -41.16 -4.66
C TRP A 378 3.03 -39.84 -4.49
N GLN A 379 2.38 -39.36 -5.55
CA GLN A 379 1.60 -38.12 -5.45
C GLN A 379 0.46 -38.28 -4.46
N ASN A 380 -0.24 -39.42 -4.50
CA ASN A 380 -1.34 -39.66 -3.57
C ASN A 380 -0.83 -39.68 -2.13
N ILE A 381 0.30 -40.33 -1.89
CA ILE A 381 0.85 -40.41 -0.54
C ILE A 381 1.28 -39.02 -0.06
N THR A 382 1.97 -38.27 -0.91
CA THR A 382 2.45 -36.95 -0.52
C THR A 382 1.30 -36.00 -0.23
N LYS A 383 0.29 -35.98 -1.10
CA LYS A 383 -0.87 -35.13 -0.86
C LYS A 383 -1.67 -35.59 0.35
N GLY A 384 -1.53 -36.85 0.77
CA GLY A 384 -2.23 -37.33 1.94
C GLY A 384 -1.80 -36.70 3.24
N PHE A 385 -0.52 -36.36 3.38
CA PHE A 385 -0.05 -35.73 4.61
C PHE A 385 -0.54 -34.30 4.74
N SER A 386 -0.58 -33.56 3.63
CA SER A 386 -1.05 -32.18 3.67
C SER A 386 -1.31 -31.73 2.23
N GLU A 387 -1.93 -30.56 2.12
CA GLU A 387 -2.19 -29.94 0.82
C GLU A 387 -1.11 -28.94 0.44
N ASP A 388 -0.09 -28.77 1.26
CA ASP A 388 1.00 -27.82 1.00
C ASP A 388 2.33 -28.55 0.78
N ARG A 389 2.28 -29.67 0.07
CA ARG A 389 3.48 -30.41 -0.29
C ARG A 389 3.56 -30.53 -1.81
N LEU A 390 4.78 -30.70 -2.31
CA LEU A 390 5.06 -30.64 -3.73
C LEU A 390 5.81 -31.89 -4.17
N LEU A 391 5.63 -32.26 -5.44
CA LEU A 391 6.36 -33.36 -6.04
C LEU A 391 6.86 -32.93 -7.42
N ILE A 392 8.16 -33.05 -7.64
CA ILE A 392 8.79 -32.65 -8.89
C ILE A 392 9.32 -33.91 -9.57
N ALA A 393 9.04 -34.04 -10.85
CA ALA A 393 9.53 -35.17 -11.64
C ALA A 393 10.34 -34.64 -12.81
N GLY A 394 11.50 -35.26 -13.05
CA GLY A 394 12.36 -34.83 -14.13
C GLY A 394 12.68 -35.90 -15.14
N THR A 395 12.55 -35.55 -16.43
CA THR A 395 12.88 -36.46 -17.52
C THR A 395 13.89 -35.79 -18.44
N ASN A 396 14.46 -36.58 -19.34
CA ASN A 396 15.39 -36.07 -20.34
C ASN A 396 14.80 -36.11 -21.75
N SER A 397 13.59 -36.64 -21.92
CA SER A 397 12.97 -36.71 -23.23
C SER A 397 12.39 -35.36 -23.61
N SER A 398 12.17 -35.17 -24.91
CA SER A 398 11.60 -33.94 -25.44
C SER A 398 10.36 -34.16 -26.29
N ASP A 399 9.92 -35.41 -26.47
CA ASP A 399 8.74 -35.67 -27.29
C ASP A 399 7.49 -35.24 -26.55
N LEU A 400 6.62 -34.50 -27.24
CA LEU A 400 5.41 -34.00 -26.61
C LEU A 400 4.50 -35.15 -26.18
N GLN A 401 4.36 -36.17 -27.03
CA GLN A 401 3.53 -37.31 -26.66
C GLN A 401 4.09 -38.03 -25.44
N GLN A 402 5.43 -38.17 -25.37
CA GLN A 402 6.04 -38.80 -24.22
C GLN A 402 5.76 -38.03 -22.94
N ILE A 403 5.87 -36.70 -23.00
CA ILE A 403 5.58 -35.88 -21.82
C ILE A 403 4.12 -36.02 -21.42
N LEU A 404 3.21 -35.94 -22.38
CA LEU A 404 1.79 -36.04 -22.06
C LEU A 404 1.40 -37.42 -21.55
N SER A 405 2.16 -38.46 -21.91
CA SER A 405 1.83 -39.81 -21.44
C SER A 405 1.95 -39.93 -19.94
N LEU A 406 2.98 -39.33 -19.35
CA LEU A 406 3.17 -39.42 -17.91
C LEU A 406 2.12 -38.66 -17.12
N LEU A 407 1.44 -37.71 -17.76
CA LEU A 407 0.40 -36.92 -17.10
C LEU A 407 -1.00 -37.47 -17.38
N GLU A 408 -1.10 -38.63 -18.03
CA GLU A 408 -2.41 -39.22 -18.32
C GLU A 408 -3.14 -39.65 -17.06
N SER A 409 -2.44 -39.85 -15.94
CA SER A 409 -3.08 -40.22 -14.69
C SER A 409 -2.85 -39.21 -13.58
N ASN A 410 -1.98 -38.23 -13.79
CA ASN A 410 -1.71 -37.21 -12.79
C ASN A 410 -1.85 -35.83 -13.42
N LYS A 411 -2.45 -34.91 -12.70
CA LYS A 411 -2.63 -33.54 -13.17
C LYS A 411 -2.02 -32.50 -12.25
N ASP A 412 -1.62 -32.87 -11.03
CA ASP A 412 -1.01 -31.95 -10.09
C ASP A 412 0.51 -32.11 -10.04
N LEU A 413 1.08 -32.91 -10.93
CA LEU A 413 2.52 -33.12 -10.95
C LEU A 413 3.21 -32.01 -11.73
N LEU A 414 4.38 -31.59 -11.26
CA LEU A 414 5.24 -30.67 -11.99
C LEU A 414 6.35 -31.47 -12.65
N LEU A 415 6.39 -31.42 -13.98
CA LEU A 415 7.31 -32.26 -14.75
C LEU A 415 8.25 -31.34 -15.53
N THR A 416 9.49 -31.23 -15.05
CA THR A 416 10.52 -30.51 -15.78
C THR A 416 11.18 -31.44 -16.80
N SER A 417 11.42 -30.93 -17.99
CA SER A 417 11.97 -31.74 -19.06
C SER A 417 12.66 -30.85 -20.07
N SER A 418 13.45 -31.47 -20.94
CA SER A 418 14.16 -30.73 -21.98
C SER A 418 13.23 -30.46 -23.16
N TYR A 419 12.05 -29.90 -22.89
CA TYR A 419 11.09 -29.64 -23.95
C TYR A 419 11.45 -28.40 -24.77
N LEU A 420 12.02 -27.38 -24.14
CA LEU A 420 12.35 -26.13 -24.80
C LEU A 420 13.79 -26.09 -25.31
N SER A 421 14.54 -27.16 -25.14
CA SER A 421 15.91 -27.23 -25.58
C SER A 421 15.97 -27.65 -27.04
N ASP A 422 17.18 -27.97 -27.52
CA ASP A 422 17.45 -28.46 -28.87
C ASP A 422 16.81 -27.60 -29.97
N SER A 423 16.48 -26.35 -29.65
CA SER A 423 15.86 -25.44 -30.61
C SER A 423 16.09 -24.02 -30.12
N GLY A 424 15.34 -23.08 -30.69
CA GLY A 424 15.45 -21.67 -30.34
C GLY A 424 16.05 -20.79 -31.41
N SER A 425 16.48 -21.36 -32.54
CA SER A 425 17.05 -20.55 -33.60
C SER A 425 16.02 -19.60 -34.21
N THR A 426 14.78 -20.04 -34.35
CA THR A 426 13.72 -19.22 -34.94
C THR A 426 12.66 -18.94 -33.89
N GLY A 427 12.20 -17.69 -33.85
CA GLY A 427 11.18 -17.30 -32.87
C GLY A 427 9.86 -17.99 -33.06
N GLU A 428 9.46 -18.26 -34.31
CA GLU A 428 8.17 -18.89 -34.56
C GLU A 428 8.14 -20.31 -34.01
N HIS A 429 9.28 -21.01 -34.04
CA HIS A 429 9.32 -22.38 -33.54
C HIS A 429 9.05 -22.45 -32.04
N THR A 430 9.68 -21.56 -31.28
CA THR A 430 9.44 -21.53 -29.83
C THR A 430 8.01 -21.16 -29.52
N LYS A 431 7.46 -20.19 -30.26
CA LYS A 431 6.06 -19.82 -30.08
C LYS A 431 5.15 -21.01 -30.34
N SER A 432 5.41 -21.75 -31.42
CA SER A 432 4.61 -22.93 -31.72
C SER A 432 4.72 -23.96 -30.60
N LEU A 433 5.93 -24.19 -30.09
CA LEU A 433 6.11 -25.16 -29.02
C LEU A 433 5.31 -24.78 -27.79
N VAL A 434 5.43 -23.52 -27.35
CA VAL A 434 4.74 -23.08 -26.15
C VAL A 434 3.24 -23.13 -26.33
N THR A 435 2.73 -22.63 -27.45
CA THR A 435 1.30 -22.63 -27.68
C THR A 435 0.74 -24.05 -27.76
N GLN A 436 1.44 -24.95 -28.45
CA GLN A 436 0.98 -26.33 -28.54
C GLN A 436 0.97 -26.99 -27.18
N TYR A 437 2.01 -26.75 -26.37
CA TYR A 437 2.05 -27.35 -25.04
C TYR A 437 0.89 -26.86 -24.19
N LEU A 438 0.63 -25.55 -24.20
CA LEU A 438 -0.46 -25.02 -23.40
C LEU A 438 -1.81 -25.53 -23.89
N ASN A 439 -2.00 -25.62 -25.20
CA ASN A 439 -3.26 -26.11 -25.73
C ASN A 439 -3.47 -27.58 -25.38
N ALA A 440 -2.41 -28.39 -25.45
CA ALA A 440 -2.55 -29.81 -25.17
C ALA A 440 -2.77 -30.07 -23.69
N THR A 441 -2.08 -29.34 -22.82
CA THR A 441 -2.21 -29.59 -21.39
C THR A 441 -3.52 -29.07 -20.81
N GLY A 442 -4.26 -28.25 -21.55
CA GLY A 442 -5.52 -27.74 -21.05
C GLY A 442 -5.40 -26.55 -20.14
N ASN A 443 -4.31 -25.78 -20.26
CA ASN A 443 -4.11 -24.56 -19.47
C ASN A 443 -4.09 -24.87 -17.97
N ARG A 444 -3.18 -25.74 -17.58
CA ARG A 444 -2.96 -26.06 -16.17
C ARG A 444 -1.63 -25.46 -15.72
N TRP A 445 -1.27 -25.74 -14.47
CA TRP A 445 -0.03 -25.24 -13.91
C TRP A 445 1.13 -26.11 -14.37
N CYS A 446 2.07 -25.53 -15.11
CA CYS A 446 3.23 -26.23 -15.62
C CYS A 446 4.49 -25.52 -15.15
N SER A 447 5.62 -26.18 -15.33
CA SER A 447 6.92 -25.64 -14.93
C SER A 447 7.78 -25.44 -16.17
N TRP A 448 8.37 -24.26 -16.30
CA TRP A 448 9.15 -23.88 -17.46
C TRP A 448 10.64 -23.95 -17.12
N SER A 449 11.38 -24.77 -17.86
CA SER A 449 12.82 -24.85 -17.69
C SER A 449 13.43 -25.44 -18.95
N LEU A 450 14.66 -25.05 -19.24
CA LEU A 450 15.35 -25.55 -20.42
C LEU A 450 15.94 -26.94 -20.23
N SER A 451 15.97 -27.44 -19.00
CA SER A 451 16.49 -28.79 -18.73
C SER A 451 16.08 -29.16 -17.32
N GLN A 452 16.53 -30.35 -16.89
CA GLN A 452 16.24 -30.84 -15.56
C GLN A 452 17.38 -30.65 -14.58
N ALA A 453 18.63 -30.70 -15.05
CA ALA A 453 19.77 -30.58 -14.15
C ALA A 453 20.91 -29.75 -14.73
N ARG A 454 20.70 -29.02 -15.82
CA ARG A 454 21.76 -28.28 -16.48
C ARG A 454 21.50 -26.78 -16.44
N LEU A 455 22.57 -26.01 -16.58
CA LEU A 455 22.48 -24.56 -16.60
C LEU A 455 21.99 -24.08 -17.95
N LEU A 456 21.70 -22.77 -18.02
CA LEU A 456 21.25 -22.20 -19.29
C LEU A 456 22.37 -22.14 -20.31
N THR A 457 23.61 -21.90 -19.87
CA THR A 457 24.72 -21.77 -20.79
C THR A 457 25.11 -23.08 -21.46
N SER A 458 24.56 -24.20 -21.01
CA SER A 458 24.85 -25.49 -21.64
C SER A 458 24.04 -25.73 -22.90
N PHE A 459 23.10 -24.84 -23.24
CA PHE A 459 22.30 -24.98 -24.44
C PHE A 459 22.18 -23.70 -25.27
N LEU A 460 22.67 -22.57 -24.79
CA LEU A 460 22.48 -21.31 -25.48
C LEU A 460 23.79 -20.56 -25.60
N PRO A 461 23.93 -19.72 -26.63
CA PRO A 461 25.10 -18.84 -26.72
C PRO A 461 25.07 -17.80 -25.61
N ALA A 462 26.21 -17.12 -25.44
CA ALA A 462 26.33 -16.13 -24.38
C ALA A 462 25.52 -14.88 -24.63
N GLN A 463 24.95 -14.70 -25.83
CA GLN A 463 24.21 -13.50 -26.18
C GLN A 463 22.70 -13.67 -26.03
N LEU A 464 22.24 -14.82 -25.56
CA LEU A 464 20.82 -15.10 -25.47
C LEU A 464 20.31 -15.31 -24.06
N LEU A 465 21.19 -15.24 -23.05
CA LEU A 465 20.74 -15.50 -21.68
C LEU A 465 19.71 -14.47 -21.23
N ARG A 466 19.91 -13.20 -21.56
CA ARG A 466 18.98 -12.16 -21.15
C ARG A 466 17.60 -12.39 -21.76
N LEU A 467 17.56 -12.78 -23.04
CA LEU A 467 16.29 -12.99 -23.72
C LEU A 467 15.48 -14.09 -23.04
N TYR A 468 16.12 -15.22 -22.76
CA TYR A 468 15.40 -16.32 -22.11
C TYR A 468 15.05 -16.00 -20.67
N GLN A 469 15.93 -15.28 -19.96
CA GLN A 469 15.61 -14.89 -18.58
C GLN A 469 14.39 -14.00 -18.54
N LEU A 470 14.23 -13.11 -19.52
CA LEU A 470 12.99 -12.35 -19.62
C LEU A 470 11.82 -13.26 -20.00
N MET A 471 12.08 -14.24 -20.89
CA MET A 471 11.00 -15.11 -21.34
C MET A 471 10.43 -15.96 -20.20
N LEU A 472 11.30 -16.54 -19.38
CA LEU A 472 10.86 -17.52 -18.39
C LEU A 472 10.12 -16.90 -17.21
N PHE A 473 10.32 -15.60 -17.00
CA PHE A 473 9.68 -14.92 -15.89
C PHE A 473 8.26 -14.47 -16.22
N THR A 474 7.92 -14.45 -17.51
CA THR A 474 6.59 -13.97 -17.90
C THR A 474 5.68 -15.04 -18.49
N LEU A 475 6.02 -16.30 -18.29
CA LEU A 475 5.18 -17.39 -18.77
C LEU A 475 4.20 -17.81 -17.68
N PRO A 476 3.00 -18.29 -18.08
CA PRO A 476 2.10 -18.77 -17.02
C PRO A 476 2.56 -20.07 -16.41
N GLY A 477 3.50 -19.99 -15.47
CA GLY A 477 4.00 -21.19 -14.82
C GLY A 477 4.93 -20.84 -13.70
N THR A 478 5.66 -21.87 -13.24
CA THR A 478 6.62 -21.72 -12.16
C THR A 478 8.03 -21.94 -12.70
N PRO A 479 8.80 -20.88 -12.94
CA PRO A 479 10.14 -21.06 -13.50
C PRO A 479 11.04 -21.82 -12.54
N VAL A 480 11.93 -22.64 -13.12
CA VAL A 480 12.91 -23.40 -12.36
C VAL A 480 14.29 -23.07 -12.92
N PHE A 481 15.17 -22.53 -12.08
CA PHE A 481 16.51 -22.15 -12.46
C PHE A 481 17.53 -22.93 -11.66
N SER A 482 18.65 -23.25 -12.29
CA SER A 482 19.76 -23.86 -11.58
C SER A 482 20.67 -22.78 -11.02
N TYR A 483 21.49 -23.17 -10.04
CA TYR A 483 22.36 -22.21 -9.38
C TYR A 483 23.40 -21.68 -10.35
N GLY A 484 23.70 -20.39 -10.24
CA GLY A 484 24.63 -19.75 -11.15
C GLY A 484 24.04 -19.29 -12.45
N ASP A 485 22.73 -19.37 -12.62
CA ASP A 485 22.08 -18.88 -13.82
C ASP A 485 21.68 -17.41 -13.73
N GLU A 486 21.98 -16.76 -12.62
CA GLU A 486 21.71 -15.34 -12.45
C GLU A 486 22.95 -14.48 -12.69
N ILE A 487 24.10 -15.10 -12.91
CA ILE A 487 25.32 -14.36 -13.21
C ILE A 487 25.92 -14.91 -14.49
N GLY A 488 25.15 -15.72 -15.21
CA GLY A 488 25.62 -16.28 -16.46
C GLY A 488 26.83 -17.17 -16.33
N LEU A 489 26.85 -18.05 -15.33
CA LEU A 489 27.99 -18.94 -15.15
C LEU A 489 28.11 -19.89 -16.33
N ASP A 490 29.35 -20.10 -16.77
CA ASP A 490 29.64 -20.98 -17.91
C ASP A 490 30.60 -22.07 -17.46
N ALA A 491 30.27 -23.31 -17.78
CA ALA A 491 31.13 -24.43 -17.43
C ALA A 491 32.34 -24.53 -18.35
N ALA A 492 32.19 -24.16 -19.61
CA ALA A 492 33.27 -24.28 -20.58
C ALA A 492 34.18 -23.05 -20.63
N ALA A 493 33.81 -21.96 -19.94
CA ALA A 493 34.65 -20.78 -19.94
C ALA A 493 35.89 -20.94 -19.07
N LEU A 494 35.90 -21.91 -18.18
CA LEU A 494 37.04 -22.17 -17.30
C LEU A 494 37.54 -23.59 -17.51
N PRO A 495 38.75 -23.78 -18.03
CA PRO A 495 39.25 -25.14 -18.28
C PRO A 495 39.45 -25.90 -16.98
N GLY A 496 39.26 -27.22 -17.04
CA GLY A 496 39.44 -28.08 -15.90
C GLY A 496 38.24 -28.19 -14.98
N GLN A 497 37.11 -27.60 -15.34
CA GLN A 497 35.91 -27.62 -14.51
C GLN A 497 34.90 -28.58 -15.11
N PRO A 498 34.46 -29.60 -14.38
CA PRO A 498 33.45 -30.52 -14.93
C PRO A 498 32.16 -29.78 -15.27
N MET A 499 31.55 -30.18 -16.39
CA MET A 499 30.36 -29.50 -16.87
C MET A 499 29.12 -29.82 -16.03
N GLU A 500 29.17 -30.84 -15.18
CA GLU A 500 28.02 -31.22 -14.36
C GLU A 500 28.04 -30.54 -12.99
N ALA A 501 29.09 -29.81 -12.65
CA ALA A 501 29.17 -29.15 -11.35
C ALA A 501 30.15 -28.01 -11.38
N PRO A 502 29.79 -26.88 -12.00
CA PRO A 502 30.69 -25.72 -11.99
C PRO A 502 30.77 -25.08 -10.61
N VAL A 503 31.88 -24.40 -10.37
CA VAL A 503 32.12 -23.74 -9.10
C VAL A 503 31.61 -22.30 -9.18
N MET A 504 30.84 -21.89 -8.16
CA MET A 504 30.30 -20.54 -8.14
C MET A 504 31.43 -19.52 -7.98
N LEU A 505 31.23 -18.34 -8.54
CA LEU A 505 32.22 -17.28 -8.54
C LEU A 505 31.76 -16.16 -7.62
N TRP A 506 32.16 -16.26 -6.34
CA TRP A 506 31.81 -15.22 -5.38
C TRP A 506 32.78 -14.04 -5.43
N ASP A 507 34.02 -14.27 -5.85
CA ASP A 507 35.00 -13.21 -5.98
C ASP A 507 36.09 -13.65 -6.95
N GLU A 508 37.12 -12.83 -7.08
CA GLU A 508 38.24 -13.17 -7.94
C GLU A 508 39.04 -14.35 -7.40
N SER A 509 38.96 -14.61 -6.10
CA SER A 509 39.66 -15.73 -5.48
C SER A 509 38.78 -16.96 -5.34
N SER A 510 37.56 -16.94 -5.88
CA SER A 510 36.67 -18.09 -5.77
C SER A 510 37.20 -19.32 -6.50
N PHE A 511 38.15 -19.14 -7.43
CA PHE A 511 38.76 -20.24 -8.17
C PHE A 511 40.25 -20.21 -7.91
N PRO A 512 40.73 -20.90 -6.87
CA PRO A 512 42.16 -20.87 -6.57
C PRO A 512 43.04 -21.40 -7.68
N ASP A 513 42.58 -22.40 -8.42
CA ASP A 513 43.35 -22.92 -9.55
C ASP A 513 43.47 -21.87 -10.64
N ILE A 514 44.64 -21.81 -11.26
CA ILE A 514 45.01 -20.83 -12.29
C ILE A 514 44.42 -19.45 -11.96
N PRO A 515 44.93 -18.79 -10.92
CA PRO A 515 44.36 -17.49 -10.55
C PRO A 515 44.60 -16.43 -11.62
N GLY A 516 43.71 -15.45 -11.65
CA GLY A 516 43.76 -14.42 -12.66
C GLY A 516 43.02 -14.74 -13.93
N ALA A 517 42.34 -15.87 -14.01
CA ALA A 517 41.56 -16.24 -15.18
C ALA A 517 40.10 -15.81 -15.06
N VAL A 518 39.75 -15.11 -13.98
CA VAL A 518 38.39 -14.64 -13.74
C VAL A 518 38.43 -13.13 -13.58
N SER A 519 37.53 -12.44 -14.27
CA SER A 519 37.50 -10.99 -14.24
C SER A 519 36.59 -10.49 -13.12
N ALA A 520 36.48 -9.17 -12.99
CA ALA A 520 35.63 -8.61 -11.94
C ALA A 520 34.19 -8.49 -12.39
N ASN A 521 33.92 -8.92 -13.62
CA ASN A 521 32.56 -8.85 -14.15
C ASN A 521 31.78 -10.11 -13.90
N MET A 522 32.48 -11.22 -13.70
CA MET A 522 31.81 -12.50 -13.49
C MET A 522 31.55 -12.80 -12.02
N THR A 523 31.95 -11.89 -11.15
CA THR A 523 31.76 -12.12 -9.72
C THR A 523 30.47 -11.53 -9.20
N VAL A 524 29.78 -12.27 -8.33
CA VAL A 524 28.53 -11.79 -7.75
C VAL A 524 28.71 -10.40 -7.16
N LYS A 525 29.80 -10.21 -6.41
CA LYS A 525 30.05 -8.90 -5.81
C LYS A 525 30.32 -7.84 -6.86
N GLY A 526 30.85 -8.24 -8.02
CA GLY A 526 31.09 -7.30 -9.09
C GLY A 526 29.87 -6.95 -9.92
N GLN A 527 28.75 -7.64 -9.69
CA GLN A 527 27.52 -7.38 -10.43
C GLN A 527 26.39 -6.88 -9.54
N SER A 528 26.59 -6.82 -8.23
CA SER A 528 25.54 -6.38 -7.31
C SER A 528 25.32 -4.88 -7.34
N GLU A 529 26.18 -4.10 -8.00
CA GLU A 529 26.03 -2.67 -8.07
C GLU A 529 25.95 -2.11 -9.48
N ASP A 530 26.14 -2.95 -10.51
CA ASP A 530 26.08 -2.49 -11.89
C ASP A 530 24.70 -2.78 -12.45
N PRO A 531 23.90 -1.75 -12.77
CA PRO A 531 22.56 -2.02 -13.34
C PRO A 531 22.61 -2.74 -14.68
N GLY A 532 23.69 -2.58 -15.44
CA GLY A 532 23.81 -3.25 -16.72
C GLY A 532 24.43 -4.62 -16.58
N SER A 533 23.78 -5.51 -15.83
CA SER A 533 24.32 -6.83 -15.58
C SER A 533 23.16 -7.81 -15.42
N LEU A 534 23.48 -9.10 -15.54
CA LEU A 534 22.45 -10.13 -15.44
C LEU A 534 21.80 -10.13 -14.06
N LEU A 535 22.59 -10.00 -13.00
CA LEU A 535 22.06 -10.14 -11.65
C LEU A 535 21.03 -9.06 -11.34
N SER A 536 21.30 -7.81 -11.75
CA SER A 536 20.34 -6.74 -11.50
C SER A 536 19.04 -6.99 -12.25
N LEU A 537 19.13 -7.42 -13.51
CA LEU A 537 17.93 -7.77 -14.27
C LEU A 537 17.21 -8.93 -13.61
N PHE A 538 17.96 -9.93 -13.13
CA PHE A 538 17.35 -11.06 -12.44
C PHE A 538 16.56 -10.59 -11.22
N ARG A 539 17.16 -9.72 -10.41
CA ARG A 539 16.48 -9.26 -9.20
C ARG A 539 15.24 -8.44 -9.55
N ARG A 540 15.34 -7.56 -10.55
CA ARG A 540 14.17 -6.76 -10.93
C ARG A 540 13.04 -7.66 -11.44
N LEU A 541 13.37 -8.64 -12.28
CA LEU A 541 12.35 -9.54 -12.80
C LEU A 541 11.73 -10.37 -11.69
N SER A 542 12.55 -10.86 -10.76
CA SER A 542 12.02 -11.64 -9.65
C SER A 542 11.10 -10.81 -8.78
N ASP A 543 11.47 -9.55 -8.54
CA ASP A 543 10.60 -8.66 -7.77
C ASP A 543 9.28 -8.44 -8.49
N GLN A 544 9.32 -8.23 -9.81
CA GLN A 544 8.09 -8.01 -10.55
C GLN A 544 7.23 -9.25 -10.62
N ARG A 545 7.84 -10.44 -10.63
CA ARG A 545 7.07 -11.67 -10.78
C ARG A 545 6.24 -11.98 -9.55
N SER A 546 6.80 -11.75 -8.36
CA SER A 546 6.17 -12.15 -7.11
C SER A 546 5.31 -11.04 -6.50
N LYS A 547 5.05 -9.97 -7.23
CA LYS A 547 4.33 -8.82 -6.71
C LYS A 547 2.97 -8.62 -7.39
N GLU A 548 2.96 -8.49 -8.72
CA GLU A 548 1.72 -8.21 -9.43
C GLU A 548 0.85 -9.46 -9.52
N ARG A 549 -0.46 -9.24 -9.57
CA ARG A 549 -1.40 -10.35 -9.72
C ARG A 549 -1.43 -10.87 -11.15
N SER A 550 -1.22 -10.00 -12.13
CA SER A 550 -1.28 -10.42 -13.53
C SER A 550 -0.17 -11.42 -13.84
N LEU A 551 1.04 -11.20 -13.33
CA LEU A 551 2.10 -12.17 -13.50
C LEU A 551 1.92 -13.40 -12.60
N LEU A 552 1.09 -13.30 -11.57
CA LEU A 552 0.89 -14.43 -10.67
C LEU A 552 -0.12 -15.42 -11.22
N HIS A 553 -1.35 -14.98 -11.42
CA HIS A 553 -2.42 -15.86 -11.89
C HIS A 553 -3.16 -15.27 -13.09
N GLY A 554 -2.49 -14.41 -13.85
CA GLY A 554 -3.13 -13.76 -14.97
C GLY A 554 -3.33 -14.68 -16.15
N ASP A 555 -4.19 -14.23 -17.05
CA ASP A 555 -4.46 -14.96 -18.29
C ASP A 555 -3.42 -14.62 -19.34
N PHE A 556 -3.09 -15.61 -20.16
CA PHE A 556 -2.05 -15.55 -21.17
C PHE A 556 -2.67 -15.56 -22.55
N HIS A 557 -2.30 -14.58 -23.39
CA HIS A 557 -2.77 -14.55 -24.77
C HIS A 557 -1.63 -14.16 -25.70
N ALA A 558 -1.38 -15.00 -26.69
CA ALA A 558 -0.33 -14.77 -27.68
C ALA A 558 -0.94 -14.51 -29.03
N PHE A 559 -0.50 -13.44 -29.70
CA PHE A 559 -1.03 -13.06 -31.00
C PHE A 559 0.10 -13.02 -32.01
N SER A 560 -0.29 -13.05 -33.29
CA SER A 560 0.68 -13.09 -34.37
C SER A 560 1.43 -11.77 -34.49
N ALA A 561 2.63 -11.86 -35.06
CA ALA A 561 3.47 -10.69 -35.30
C ALA A 561 4.33 -10.98 -36.53
N GLY A 562 5.38 -10.20 -36.73
CA GLY A 562 6.29 -10.42 -37.81
C GLY A 562 7.11 -11.69 -37.60
N PRO A 563 7.78 -12.15 -38.65
CA PRO A 563 8.57 -13.38 -38.53
C PRO A 563 9.72 -13.20 -37.56
N GLY A 564 10.04 -14.27 -36.84
CA GLY A 564 11.10 -14.23 -35.86
C GLY A 564 10.77 -13.49 -34.59
N LEU A 565 9.50 -13.18 -34.35
CA LEU A 565 9.08 -12.45 -33.16
C LEU A 565 8.19 -13.33 -32.30
N PHE A 566 8.16 -13.03 -31.01
CA PHE A 566 7.27 -13.68 -30.06
C PHE A 566 6.68 -12.61 -29.15
N SER A 567 5.39 -12.35 -29.29
CA SER A 567 4.73 -11.30 -28.53
C SER A 567 3.52 -11.86 -27.84
N TYR A 568 3.34 -11.56 -26.56
CA TYR A 568 2.21 -12.11 -25.81
C TYR A 568 1.75 -11.15 -24.72
N ILE A 569 0.59 -11.42 -24.14
CA ILE A 569 0.03 -10.52 -23.15
C ILE A 569 -0.43 -11.23 -21.88
N ARG A 570 -0.23 -10.60 -20.74
CA ARG A 570 -0.71 -11.15 -19.48
C ARG A 570 -1.68 -10.18 -18.84
N HIS A 571 -2.84 -10.69 -18.43
CA HIS A 571 -3.88 -9.84 -17.85
C HIS A 571 -4.78 -10.68 -16.96
N TRP A 572 -4.87 -10.33 -15.67
CA TRP A 572 -5.66 -11.16 -14.74
C TRP A 572 -7.15 -10.80 -14.75
N ASP A 573 -7.51 -9.67 -14.13
CA ASP A 573 -8.89 -9.22 -14.22
C ASP A 573 -9.02 -7.76 -14.61
N GLN A 574 -8.46 -6.88 -13.78
CA GLN A 574 -8.59 -5.44 -13.92
C GLN A 574 -7.30 -4.75 -13.49
N ASN A 575 -6.20 -5.48 -13.46
CA ASN A 575 -4.94 -4.98 -12.96
C ASN A 575 -4.05 -4.57 -14.13
N GLU A 576 -2.83 -4.15 -13.81
CA GLU A 576 -1.90 -3.66 -14.81
C GLU A 576 -1.57 -4.75 -15.81
N ARG A 577 -2.04 -4.58 -17.05
CA ARG A 577 -1.74 -5.52 -18.11
C ARG A 577 -0.29 -5.41 -18.53
N PHE A 578 0.34 -6.55 -18.80
CA PHE A 578 1.72 -6.60 -19.24
C PHE A 578 1.78 -7.12 -20.68
N LEU A 579 2.68 -6.55 -21.48
CA LEU A 579 2.84 -6.93 -22.88
C LEU A 579 4.32 -7.15 -23.14
N VAL A 580 4.67 -8.38 -23.50
CA VAL A 580 6.06 -8.76 -23.74
C VAL A 580 6.27 -8.94 -25.24
N VAL A 581 7.35 -8.36 -25.76
CA VAL A 581 7.73 -8.50 -27.15
C VAL A 581 9.17 -8.97 -27.20
N LEU A 582 9.44 -10.02 -27.99
CA LEU A 582 10.74 -10.65 -28.01
C LEU A 582 11.19 -10.83 -29.46
N ASN A 583 12.45 -10.52 -29.73
CA ASN A 583 13.03 -10.63 -31.06
C ASN A 583 14.16 -11.64 -31.03
N PHE A 584 13.84 -12.91 -31.32
CA PHE A 584 14.86 -13.94 -31.38
C PHE A 584 15.75 -13.82 -32.61
N GLY A 585 15.38 -12.97 -33.58
CA GLY A 585 16.19 -12.84 -34.77
C GLY A 585 17.47 -12.07 -34.52
N ASP A 586 18.39 -12.21 -35.47
CA ASP A 586 19.69 -11.56 -35.39
C ASP A 586 19.73 -10.23 -36.13
N VAL A 587 18.64 -9.82 -36.78
CA VAL A 587 18.58 -8.57 -37.51
C VAL A 587 17.38 -7.77 -37.04
N GLY A 588 17.50 -6.45 -37.07
CA GLY A 588 16.43 -5.58 -36.64
C GLY A 588 15.28 -5.57 -37.63
N LEU A 589 14.09 -5.28 -37.11
CA LEU A 589 12.88 -5.21 -37.93
C LEU A 589 11.83 -4.44 -37.15
N SER A 590 10.66 -4.26 -37.78
CA SER A 590 9.56 -3.54 -37.17
C SER A 590 8.75 -4.48 -36.27
N ALA A 591 7.80 -3.90 -35.54
CA ALA A 591 6.97 -4.69 -34.65
C ALA A 591 5.86 -5.39 -35.43
N GLY A 592 4.99 -4.61 -36.08
CA GLY A 592 3.91 -5.16 -36.87
C GLY A 592 2.93 -6.00 -36.07
N LEU A 593 2.50 -5.48 -34.92
CA LEU A 593 1.54 -6.19 -34.09
C LEU A 593 0.14 -6.10 -34.71
N GLN A 594 -0.69 -7.09 -34.40
CA GLN A 594 -2.03 -7.19 -34.96
C GLN A 594 -3.06 -7.27 -33.83
N ALA A 595 -4.08 -6.43 -33.93
CA ALA A 595 -5.23 -6.48 -33.02
C ALA A 595 -6.32 -7.35 -33.64
N SER A 596 -7.53 -7.25 -33.10
CA SER A 596 -8.73 -7.92 -33.62
C SER A 596 -8.67 -9.43 -33.43
N ASP A 597 -7.84 -9.89 -32.50
CA ASP A 597 -7.82 -11.30 -32.12
C ASP A 597 -7.74 -11.49 -30.62
N LEU A 598 -8.13 -10.50 -29.83
CA LEU A 598 -8.22 -10.56 -28.38
C LEU A 598 -9.56 -9.98 -27.95
N PRO A 599 -10.04 -10.34 -26.76
CA PRO A 599 -11.25 -9.71 -26.24
C PRO A 599 -11.05 -8.22 -26.04
N ALA A 600 -12.13 -7.46 -26.16
CA ALA A 600 -12.05 -6.00 -26.06
C ALA A 600 -11.47 -5.56 -24.72
N SER A 601 -11.64 -6.37 -23.67
CA SER A 601 -11.04 -6.05 -22.39
C SER A 601 -9.53 -6.20 -22.40
N ALA A 602 -8.98 -6.88 -23.42
CA ALA A 602 -7.54 -7.11 -23.51
C ALA A 602 -6.91 -6.43 -24.71
N SER A 603 -7.62 -5.53 -25.38
CA SER A 603 -7.07 -4.86 -26.54
C SER A 603 -5.99 -3.87 -26.12
N LEU A 604 -4.86 -3.92 -26.82
CA LEU A 604 -3.73 -3.06 -26.48
C LEU A 604 -4.05 -1.61 -26.81
N PRO A 605 -3.55 -0.66 -26.03
CA PRO A 605 -3.78 0.75 -26.32
C PRO A 605 -2.74 1.29 -27.30
N ALA A 606 -2.98 2.53 -27.76
CA ALA A 606 -2.06 3.16 -28.69
C ALA A 606 -0.70 3.42 -28.06
N LYS A 607 -0.69 3.87 -26.80
CA LYS A 607 0.55 4.18 -26.10
C LYS A 607 0.64 3.35 -24.82
N ALA A 608 1.84 2.84 -24.57
CA ALA A 608 2.11 2.06 -23.37
C ALA A 608 3.44 2.48 -22.78
N ASP A 609 3.57 2.28 -21.46
CA ASP A 609 4.82 2.58 -20.78
C ASP A 609 5.86 1.52 -21.12
N LEU A 610 7.07 1.70 -20.59
CA LEU A 610 8.16 0.75 -20.80
C LEU A 610 8.77 0.46 -19.44
N LEU A 611 8.37 -0.67 -18.84
CA LEU A 611 8.88 -1.00 -17.51
C LEU A 611 10.39 -1.24 -17.53
N LEU A 612 10.87 -1.97 -18.52
CA LEU A 612 12.31 -2.23 -18.64
C LEU A 612 12.61 -2.73 -20.04
N SER A 613 13.89 -2.72 -20.38
CA SER A 613 14.39 -3.26 -21.64
C SER A 613 15.72 -3.93 -21.38
N THR A 614 15.94 -5.09 -22.01
CA THR A 614 17.16 -5.83 -21.79
C THR A 614 18.35 -5.23 -22.53
N GLN A 615 18.12 -4.38 -23.52
CA GLN A 615 19.20 -3.72 -24.24
C GLN A 615 19.37 -2.31 -23.72
N PRO A 616 20.52 -1.96 -23.14
CA PRO A 616 20.71 -0.58 -22.69
C PRO A 616 20.74 0.38 -23.86
N GLY A 617 20.27 1.60 -23.61
CA GLY A 617 20.18 2.60 -24.65
C GLY A 617 18.78 3.10 -24.86
N ARG A 618 17.90 2.79 -23.90
CA ARG A 618 16.51 3.24 -23.94
C ARG A 618 16.12 3.78 -22.58
N GLU A 619 15.13 4.67 -22.59
CA GLU A 619 14.62 5.29 -21.38
C GLU A 619 13.44 4.47 -20.82
N GLU A 620 13.15 4.70 -19.55
CA GLU A 620 12.10 3.99 -18.85
C GLU A 620 11.08 4.97 -18.29
N GLY A 621 9.85 4.51 -18.16
CA GLY A 621 8.77 5.35 -17.69
C GLY A 621 8.22 6.31 -18.71
N SER A 622 8.60 6.17 -19.98
CA SER A 622 8.13 7.06 -21.03
C SER A 622 7.05 6.37 -21.84
N PRO A 623 5.81 6.83 -21.79
CA PRO A 623 4.76 6.20 -22.60
C PRO A 623 5.01 6.40 -24.10
N LEU A 624 5.26 5.32 -24.81
CA LEU A 624 5.59 5.37 -26.23
C LEU A 624 4.55 4.66 -27.06
N GLU A 625 4.45 5.08 -28.32
CA GLU A 625 3.49 4.53 -29.27
C GLU A 625 3.93 3.17 -29.77
N LEU A 626 2.95 2.32 -30.08
CA LEU A 626 3.20 0.97 -30.56
C LEU A 626 3.20 0.86 -32.08
N GLU A 627 2.91 1.95 -32.80
CA GLU A 627 2.80 1.85 -34.25
C GLU A 627 4.16 1.74 -34.92
N ARG A 628 5.17 2.45 -34.42
CA ARG A 628 6.49 2.52 -35.04
C ARG A 628 7.55 1.99 -34.09
N LEU A 629 7.29 0.83 -33.50
CA LEU A 629 8.23 0.21 -32.56
C LEU A 629 9.19 -0.68 -33.32
N LYS A 630 10.49 -0.46 -33.13
CA LYS A 630 11.54 -1.25 -33.77
C LYS A 630 12.37 -1.96 -32.70
N LEU A 631 12.84 -3.16 -33.05
CA LEU A 631 13.57 -4.00 -32.12
C LEU A 631 14.98 -4.22 -32.62
N GLU A 632 15.95 -4.04 -31.73
CA GLU A 632 17.35 -4.37 -32.01
C GLU A 632 17.52 -5.89 -31.95
N PRO A 633 18.59 -6.41 -32.57
CA PRO A 633 18.82 -7.86 -32.50
C PRO A 633 18.94 -8.33 -31.06
N HIS A 634 18.24 -9.42 -30.75
CA HIS A 634 18.24 -10.04 -29.43
C HIS A 634 17.85 -9.03 -28.36
N GLU A 635 16.65 -8.46 -28.50
CA GLU A 635 16.13 -7.47 -27.58
C GLU A 635 14.74 -7.87 -27.11
N GLY A 636 14.43 -7.57 -25.86
CA GLY A 636 13.13 -7.86 -25.30
C GLY A 636 12.55 -6.66 -24.59
N LEU A 637 11.23 -6.52 -24.69
CA LEU A 637 10.51 -5.40 -24.13
C LEU A 637 9.37 -5.88 -23.27
N LEU A 638 9.12 -5.17 -22.16
CA LEU A 638 8.22 -5.55 -21.08
C LEU A 638 7.22 -4.42 -20.80
N LEU A 639 6.53 -3.96 -21.83
CA LEU A 639 5.64 -2.82 -21.68
C LEU A 639 4.53 -3.12 -20.68
N ARG A 640 4.05 -2.07 -20.03
CA ARG A 640 2.99 -2.19 -19.03
C ARG A 640 1.96 -1.10 -19.27
N PHE A 641 0.69 -1.46 -19.30
CA PHE A 641 -0.37 -0.47 -19.47
C PHE A 641 -1.52 -0.79 -18.55
N PRO A 642 -2.25 0.23 -18.08
CA PRO A 642 -3.31 0.00 -17.10
C PRO A 642 -4.59 -0.50 -17.75
N TYR A 643 -5.62 -0.62 -16.91
CA TYR A 643 -6.90 -1.17 -17.34
C TYR A 643 -7.50 -0.33 -18.46
N ALA A 644 -8.07 -1.02 -19.46
CA ALA A 644 -8.70 -0.36 -20.59
C ALA A 644 -10.21 -0.28 -20.39
N VAL B 64 -31.38 35.72 21.01
CA VAL B 64 -30.94 35.97 19.65
C VAL B 64 -29.48 35.59 19.50
N THR B 65 -28.92 34.95 20.53
CA THR B 65 -27.54 34.49 20.52
C THR B 65 -27.47 33.05 20.99
N LEU B 66 -26.55 32.29 20.41
CA LEU B 66 -26.42 30.88 20.74
C LEU B 66 -25.92 30.71 22.16
N GLN B 67 -26.29 29.59 22.78
CA GLN B 67 -26.01 29.30 24.17
C GLN B 67 -24.83 28.33 24.28
N ARG B 68 -24.47 27.95 25.50
CA ARG B 68 -23.33 27.06 25.72
C ARG B 68 -23.58 25.68 25.12
N ASN B 69 -24.56 24.96 25.68
CA ASN B 69 -25.00 23.63 25.21
C ASN B 69 -23.83 22.67 24.95
N ILE B 70 -22.71 22.87 25.64
CA ILE B 70 -21.57 21.96 25.54
C ILE B 70 -20.98 21.75 26.93
N THR B 71 -20.69 20.48 27.25
CA THR B 71 -20.02 20.13 28.49
C THR B 71 -18.67 19.52 28.17
N LEU B 72 -17.94 19.15 29.23
CA LEU B 72 -16.58 18.65 29.06
C LEU B 72 -16.56 17.33 28.31
N LEU B 73 -17.54 16.46 28.59
CA LEU B 73 -17.58 15.16 27.93
C LEU B 73 -17.74 15.31 26.43
N ASN B 74 -18.59 16.25 26.01
CA ASN B 74 -18.76 16.51 24.59
C ASN B 74 -17.46 17.01 23.96
N GLY B 75 -16.73 17.87 24.66
CA GLY B 75 -15.46 18.34 24.12
C GLY B 75 -14.44 17.23 23.97
N VAL B 76 -14.36 16.35 24.98
CA VAL B 76 -13.45 15.20 24.90
C VAL B 76 -13.84 14.31 23.73
N ALA B 77 -15.14 14.08 23.55
CA ALA B 77 -15.59 13.26 22.43
C ALA B 77 -15.24 13.91 21.10
N ILE B 78 -15.43 15.23 20.99
CA ILE B 78 -15.11 15.92 19.75
C ILE B 78 -13.63 15.79 19.42
N ILE B 79 -12.76 16.05 20.41
CA ILE B 79 -11.33 16.01 20.14
C ILE B 79 -10.87 14.60 19.81
N VAL B 80 -11.38 13.60 20.53
CA VAL B 80 -11.00 12.23 20.26
C VAL B 80 -11.46 11.81 18.87
N GLY B 81 -12.69 12.17 18.50
CA GLY B 81 -13.19 11.81 17.18
C GLY B 81 -12.42 12.49 16.07
N THR B 82 -12.12 13.77 16.22
CA THR B 82 -11.43 14.48 15.15
C THR B 82 -9.97 14.07 15.04
N ILE B 83 -9.35 13.64 16.14
CA ILE B 83 -7.99 13.11 16.06
C ILE B 83 -7.98 11.79 15.29
N ILE B 84 -8.95 10.92 15.58
CA ILE B 84 -8.99 9.59 14.98
C ILE B 84 -9.77 9.71 13.67
N GLY B 85 -9.05 9.93 12.58
CA GLY B 85 -9.64 9.90 11.26
C GLY B 85 -9.29 8.61 10.55
N SER B 86 -8.78 8.71 9.31
CA SER B 86 -8.20 7.53 8.69
C SER B 86 -6.98 7.07 9.48
N GLY B 87 -6.05 8.00 9.75
CA GLY B 87 -5.00 7.81 10.73
C GLY B 87 -4.27 6.48 10.72
N ILE B 88 -4.43 5.72 11.80
CA ILE B 88 -3.72 4.48 12.00
C ILE B 88 -4.46 3.34 11.32
N PHE B 89 -5.61 3.64 10.71
CA PHE B 89 -6.38 2.62 10.01
C PHE B 89 -5.95 2.42 8.57
N VAL B 90 -5.24 3.39 7.97
CA VAL B 90 -4.93 3.31 6.55
C VAL B 90 -3.44 3.43 6.25
N THR B 91 -2.63 4.09 7.07
CA THR B 91 -1.22 4.31 6.75
C THR B 91 -0.30 3.99 7.93
N PRO B 92 -0.24 2.72 8.35
CA PRO B 92 0.88 2.31 9.22
C PRO B 92 2.11 1.88 8.46
N THR B 93 1.98 1.63 7.15
CA THR B 93 3.11 1.12 6.37
C THR B 93 4.22 2.14 6.25
N GLY B 94 3.87 3.42 6.14
CA GLY B 94 4.82 4.49 5.89
C GLY B 94 6.06 4.44 6.75
N VAL B 95 5.91 4.65 8.06
CA VAL B 95 7.04 4.63 8.98
C VAL B 95 7.77 3.30 8.93
N LEU B 96 7.08 2.22 8.58
CA LEU B 96 7.73 0.92 8.44
C LEU B 96 8.73 0.92 7.29
N LYS B 97 8.37 1.52 6.16
CA LYS B 97 9.19 1.47 4.95
C LYS B 97 9.83 2.82 4.64
N GLU B 98 9.84 3.75 5.59
CA GLU B 98 10.43 5.05 5.35
C GLU B 98 11.59 5.28 6.31
N ALA B 99 11.61 4.54 7.41
CA ALA B 99 12.67 4.72 8.40
C ALA B 99 12.87 3.42 9.17
N GLY B 100 14.12 2.96 9.22
CA GLY B 100 14.50 1.90 10.13
C GLY B 100 13.78 0.59 9.87
N SER B 101 13.46 -0.11 10.96
CA SER B 101 12.89 -1.44 10.96
C SER B 101 11.53 -1.39 11.63
N PRO B 102 10.79 -2.50 11.63
CA PRO B 102 9.52 -2.54 12.38
C PRO B 102 9.63 -2.01 13.81
N GLY B 103 10.58 -2.54 14.59
CA GLY B 103 10.68 -2.12 15.98
C GLY B 103 10.92 -0.62 16.13
N LEU B 104 11.80 -0.07 15.28
CA LEU B 104 12.06 1.36 15.33
C LEU B 104 10.78 2.16 15.11
N ALA B 105 9.88 1.66 14.26
CA ALA B 105 8.61 2.35 14.04
C ALA B 105 7.84 2.50 15.35
N LEU B 106 7.88 1.46 16.20
CA LEU B 106 7.23 1.55 17.50
C LEU B 106 7.73 2.76 18.29
N VAL B 107 9.01 3.09 18.17
CA VAL B 107 9.53 4.28 18.82
C VAL B 107 8.96 5.54 18.18
N VAL B 108 8.96 5.59 16.84
CA VAL B 108 8.73 6.85 16.14
C VAL B 108 7.38 7.44 16.52
N TRP B 109 6.32 6.63 16.44
CA TRP B 109 5.00 7.10 16.82
C TRP B 109 5.02 7.74 18.20
N ALA B 110 5.60 7.02 19.17
CA ALA B 110 5.66 7.53 20.53
C ALA B 110 6.32 8.91 20.55
N ALA B 111 7.47 9.04 19.88
CA ALA B 111 8.13 10.33 19.81
C ALA B 111 7.18 11.38 19.25
N CYS B 112 6.56 11.08 18.11
CA CYS B 112 5.62 12.02 17.52
C CYS B 112 4.56 12.43 18.54
N GLY B 113 4.03 11.46 19.29
CA GLY B 113 3.01 11.79 20.27
C GLY B 113 3.48 12.83 21.25
N VAL B 114 4.70 12.65 21.78
CA VAL B 114 5.24 13.63 22.72
C VAL B 114 5.22 15.01 22.07
N PHE B 115 5.70 15.09 20.84
CA PHE B 115 5.69 16.34 20.09
C PHE B 115 4.30 16.97 20.16
N SER B 116 3.29 16.22 19.72
CA SER B 116 1.93 16.76 19.71
C SER B 116 1.50 17.17 21.10
N ILE B 117 1.81 16.33 22.10
CA ILE B 117 1.42 16.66 23.47
C ILE B 117 1.99 18.01 23.87
N VAL B 118 3.27 18.24 23.54
CA VAL B 118 3.89 19.52 23.87
C VAL B 118 3.08 20.66 23.26
N GLY B 119 2.74 20.53 21.96
CA GLY B 119 1.96 21.56 21.32
C GLY B 119 0.65 21.81 22.03
N ALA B 120 0.01 20.74 22.50
CA ALA B 120 -1.25 20.90 23.23
C ALA B 120 -1.04 21.81 24.43
N LEU B 121 0.01 21.54 25.22
CA LEU B 121 0.24 22.32 26.43
C LEU B 121 0.56 23.78 26.13
N CYS B 122 0.64 24.16 24.85
CA CYS B 122 0.68 25.58 24.52
C CYS B 122 -0.74 26.14 24.41
N TYR B 123 -1.57 25.54 23.56
CA TYR B 123 -2.93 26.06 23.39
C TYR B 123 -3.77 25.88 24.65
N ALA B 124 -3.34 25.01 25.57
CA ALA B 124 -4.03 24.91 26.85
C ALA B 124 -3.94 26.20 27.65
N GLU B 125 -2.91 27.01 27.41
CA GLU B 125 -2.76 28.27 28.12
C GLU B 125 -3.17 29.45 27.24
N LEU B 126 -2.67 29.48 26.00
CA LEU B 126 -3.01 30.55 25.08
C LEU B 126 -4.51 30.66 24.88
N GLY B 127 -5.20 29.52 24.75
CA GLY B 127 -6.64 29.55 24.64
C GLY B 127 -7.31 30.20 25.83
N THR B 128 -6.79 29.96 27.04
CA THR B 128 -7.33 30.61 28.21
C THR B 128 -6.91 32.07 28.27
N THR B 129 -5.78 32.41 27.65
CA THR B 129 -5.28 33.78 27.68
C THR B 129 -6.27 34.73 27.02
N ILE B 130 -6.73 34.37 25.83
CA ILE B 130 -7.71 35.17 25.10
C ILE B 130 -8.94 34.27 24.91
N SER B 131 -9.91 34.42 25.82
CA SER B 131 -11.10 33.59 25.78
C SER B 131 -12.04 34.07 24.66
N LYS B 132 -11.69 33.75 23.42
CA LYS B 132 -12.50 34.12 22.27
C LYS B 132 -12.60 32.93 21.33
N SER B 133 -13.74 32.78 20.67
CA SER B 133 -13.94 31.67 19.75
C SER B 133 -13.10 31.88 18.50
N GLY B 134 -13.14 30.89 17.61
CA GLY B 134 -12.35 30.95 16.40
C GLY B 134 -10.87 30.76 16.67
N GLY B 135 -10.48 29.54 17.02
CA GLY B 135 -9.10 29.28 17.36
C GLY B 135 -8.16 29.57 16.19
N ASP B 136 -6.94 30.01 16.53
CA ASP B 136 -5.87 30.28 15.57
C ASP B 136 -6.20 31.44 14.64
N TYR B 137 -7.38 32.05 14.80
CA TYR B 137 -7.74 33.25 14.06
C TYR B 137 -7.91 34.46 14.96
N ALA B 138 -8.80 34.36 15.96
CA ALA B 138 -8.96 35.46 16.90
C ALA B 138 -7.72 35.63 17.76
N TYR B 139 -6.97 34.54 17.97
CA TYR B 139 -5.77 34.62 18.78
C TYR B 139 -4.70 35.48 18.12
N MET B 140 -4.49 35.31 16.81
CA MET B 140 -3.55 36.14 16.08
C MET B 140 -4.17 37.42 15.54
N LEU B 141 -5.49 37.60 15.72
CA LEU B 141 -6.12 38.86 15.34
C LEU B 141 -5.52 40.04 16.10
N GLU B 142 -5.07 39.82 17.33
CA GLU B 142 -4.54 40.89 18.15
C GLU B 142 -3.07 41.18 17.85
N VAL B 143 -2.24 40.14 17.82
CA VAL B 143 -0.80 40.34 17.70
C VAL B 143 -0.44 40.89 16.32
N TYR B 144 -0.97 40.27 15.27
CA TYR B 144 -0.52 40.56 13.91
C TYR B 144 -1.38 41.59 13.20
N GLY B 145 -2.39 42.15 13.87
CA GLY B 145 -3.20 43.17 13.25
C GLY B 145 -4.39 42.59 12.49
N SER B 146 -4.83 43.32 11.47
CA SER B 146 -6.05 42.98 10.75
C SER B 146 -5.75 42.15 9.49
N LEU B 147 -4.90 42.66 8.61
CA LEU B 147 -4.64 42.01 7.33
C LEU B 147 -4.17 40.56 7.45
N PRO B 148 -3.17 40.24 8.28
CA PRO B 148 -2.79 38.82 8.39
C PRO B 148 -3.92 37.94 8.87
N ALA B 149 -4.76 38.43 9.78
CA ALA B 149 -5.87 37.63 10.27
C ALA B 149 -6.86 37.33 9.14
N PHE B 150 -7.19 38.35 8.33
CA PHE B 150 -8.11 38.11 7.22
C PHE B 150 -7.50 37.19 6.19
N LEU B 151 -6.20 37.34 5.92
CA LEU B 151 -5.55 36.43 4.98
C LEU B 151 -5.64 34.99 5.46
N LYS B 152 -5.36 34.78 6.75
CA LYS B 152 -5.47 33.48 7.38
C LYS B 152 -6.86 32.91 7.22
N LEU B 153 -7.88 33.71 7.58
CA LEU B 153 -9.26 33.22 7.51
C LEU B 153 -9.66 32.89 6.08
N TRP B 154 -9.27 33.75 5.13
CA TRP B 154 -9.66 33.55 3.74
C TRP B 154 -9.07 32.27 3.18
N ILE B 155 -7.75 32.10 3.31
CA ILE B 155 -7.14 30.88 2.79
C ILE B 155 -7.67 29.67 3.56
N GLU B 156 -7.92 29.85 4.86
CA GLU B 156 -8.45 28.79 5.70
C GLU B 156 -9.75 28.25 5.12
N LEU B 157 -10.77 29.10 5.03
CA LEU B 157 -12.05 28.68 4.49
C LEU B 157 -11.95 28.22 3.05
N LEU B 158 -11.05 28.77 2.25
CA LEU B 158 -11.02 28.44 0.83
C LEU B 158 -10.42 27.05 0.60
N ILE B 159 -9.43 26.66 1.40
CA ILE B 159 -8.74 25.40 1.11
C ILE B 159 -8.80 24.41 2.26
N ILE B 160 -8.43 24.84 3.46
CA ILE B 160 -8.16 23.90 4.54
C ILE B 160 -9.41 23.14 4.95
N ARG B 161 -10.54 23.83 5.09
CA ARG B 161 -11.75 23.12 5.52
C ARG B 161 -12.26 22.19 4.42
N PRO B 162 -12.64 22.70 3.23
CA PRO B 162 -13.29 21.81 2.26
C PRO B 162 -12.46 20.59 1.91
N SER B 163 -11.13 20.73 1.85
CA SER B 163 -10.27 19.58 1.66
C SER B 163 -10.47 18.56 2.77
N SER B 164 -10.49 19.02 4.02
CA SER B 164 -10.65 18.11 5.14
C SER B 164 -11.98 17.36 5.08
N GLN B 165 -13.08 18.11 4.92
CA GLN B 165 -14.38 17.44 4.89
C GLN B 165 -14.49 16.48 3.71
N TYR B 166 -14.03 16.89 2.52
CA TYR B 166 -14.17 16.02 1.37
C TYR B 166 -13.32 14.77 1.51
N ILE B 167 -12.10 14.90 2.03
CA ILE B 167 -11.25 13.71 2.18
C ILE B 167 -11.87 12.74 3.18
N VAL B 168 -12.36 13.25 4.32
CA VAL B 168 -12.94 12.35 5.30
C VAL B 168 -14.19 11.68 4.74
N ALA B 169 -15.03 12.44 4.04
CA ALA B 169 -16.25 11.86 3.48
C ALA B 169 -15.93 10.82 2.42
N LEU B 170 -14.91 11.07 1.59
CA LEU B 170 -14.53 10.10 0.56
C LEU B 170 -13.99 8.83 1.18
N VAL B 171 -13.20 8.95 2.26
CA VAL B 171 -12.72 7.77 2.95
C VAL B 171 -13.89 6.98 3.53
N PHE B 172 -14.86 7.69 4.12
CA PHE B 172 -16.06 7.03 4.62
C PHE B 172 -16.77 6.25 3.52
N ALA B 173 -16.96 6.89 2.36
CA ALA B 173 -17.65 6.23 1.26
C ALA B 173 -16.89 4.99 0.80
N THR B 174 -15.57 5.11 0.66
CA THR B 174 -14.78 3.99 0.15
C THR B 174 -14.82 2.81 1.12
N TYR B 175 -14.64 3.07 2.41
CA TYR B 175 -14.63 1.96 3.37
C TYR B 175 -16.03 1.50 3.75
N LEU B 176 -17.08 2.21 3.32
CA LEU B 176 -18.41 1.62 3.44
C LEU B 176 -18.74 0.75 2.24
N LEU B 177 -18.26 1.14 1.05
CA LEU B 177 -18.55 0.38 -0.16
C LEU B 177 -17.58 -0.77 -0.40
N LYS B 178 -16.47 -0.83 0.33
CA LYS B 178 -15.48 -1.88 0.13
C LYS B 178 -16.04 -3.30 0.21
N PRO B 179 -16.89 -3.68 1.18
CA PRO B 179 -17.30 -5.09 1.28
C PRO B 179 -18.08 -5.60 0.09
N LEU B 180 -18.44 -4.73 -0.85
CA LEU B 180 -19.06 -5.15 -2.10
C LEU B 180 -18.07 -5.24 -3.25
N PHE B 181 -16.82 -4.88 -3.04
CA PHE B 181 -15.78 -4.99 -4.05
C PHE B 181 -14.46 -5.30 -3.35
N PRO B 182 -14.30 -6.55 -2.89
CA PRO B 182 -13.14 -6.87 -2.03
C PRO B 182 -11.80 -6.70 -2.72
N THR B 183 -11.61 -7.36 -3.86
CA THR B 183 -10.37 -7.27 -4.61
C THR B 183 -10.41 -6.22 -5.72
N CYS B 184 -11.47 -6.22 -6.51
CA CYS B 184 -11.63 -5.24 -7.57
C CYS B 184 -11.87 -3.85 -6.96
N PRO B 185 -11.35 -2.80 -7.58
CA PRO B 185 -11.48 -1.46 -6.99
C PRO B 185 -12.92 -0.96 -7.03
N VAL B 186 -13.24 -0.12 -6.05
CA VAL B 186 -14.59 0.44 -5.94
C VAL B 186 -14.84 1.40 -7.08
N PRO B 187 -16.02 1.42 -7.71
CA PRO B 187 -16.28 2.39 -8.78
C PRO B 187 -16.15 3.81 -8.25
N GLU B 188 -15.62 4.70 -9.10
CA GLU B 188 -15.36 6.06 -8.68
C GLU B 188 -16.64 6.87 -8.52
N GLU B 189 -17.62 6.63 -9.40
CA GLU B 189 -18.83 7.44 -9.38
C GLU B 189 -19.60 7.27 -8.08
N ALA B 190 -19.68 6.03 -7.58
CA ALA B 190 -20.48 5.77 -6.39
C ALA B 190 -19.90 6.47 -5.16
N ALA B 191 -18.57 6.48 -5.04
CA ALA B 191 -17.95 7.06 -3.85
C ALA B 191 -18.27 8.54 -3.72
N LYS B 192 -18.20 9.29 -4.83
CA LYS B 192 -18.49 10.71 -4.78
C LYS B 192 -19.93 10.97 -4.35
N LEU B 193 -20.87 10.20 -4.92
CA LEU B 193 -22.28 10.37 -4.57
C LEU B 193 -22.51 10.05 -3.10
N VAL B 194 -21.90 8.98 -2.59
CA VAL B 194 -22.10 8.61 -1.19
C VAL B 194 -21.52 9.69 -0.28
N ALA B 195 -20.34 10.22 -0.62
CA ALA B 195 -19.75 11.28 0.19
C ALA B 195 -20.64 12.53 0.21
N CYS B 196 -21.16 12.91 -0.96
CA CYS B 196 -22.04 14.07 -1.02
C CYS B 196 -23.31 13.85 -0.20
N LEU B 197 -23.87 12.64 -0.26
CA LEU B 197 -25.05 12.34 0.54
C LEU B 197 -24.75 12.44 2.03
N CYS B 198 -23.60 11.93 2.45
CA CYS B 198 -23.21 12.04 3.86
C CYS B 198 -23.08 13.48 4.28
N VAL B 199 -22.43 14.30 3.45
CA VAL B 199 -22.24 15.71 3.80
C VAL B 199 -23.58 16.42 3.91
N LEU B 200 -24.48 16.19 2.96
CA LEU B 200 -25.78 16.85 3.00
C LEU B 200 -26.60 16.42 4.21
N LEU B 201 -26.59 15.13 4.53
CA LEU B 201 -27.34 14.67 5.69
C LEU B 201 -26.79 15.27 6.98
N LEU B 202 -25.46 15.32 7.12
CA LEU B 202 -24.89 15.89 8.33
C LEU B 202 -25.16 17.39 8.43
N THR B 203 -25.13 18.09 7.29
CA THR B 203 -25.48 19.51 7.31
C THR B 203 -26.92 19.72 7.76
N ALA B 204 -27.84 18.90 7.26
CA ALA B 204 -29.23 19.04 7.68
C ALA B 204 -29.38 18.76 9.16
N VAL B 205 -28.70 17.73 9.67
CA VAL B 205 -28.80 17.41 11.09
C VAL B 205 -28.27 18.55 11.95
N ASN B 206 -27.11 19.09 11.59
CA ASN B 206 -26.55 20.21 12.34
C ASN B 206 -27.47 21.43 12.29
N CYS B 207 -28.06 21.69 11.12
CA CYS B 207 -28.95 22.83 10.99
C CYS B 207 -30.22 22.65 11.81
N TYR B 208 -30.66 21.41 12.02
CA TYR B 208 -31.88 21.20 12.81
C TYR B 208 -31.69 21.66 14.25
N SER B 209 -30.77 21.03 14.98
CA SER B 209 -30.53 21.38 16.37
C SER B 209 -29.19 20.83 16.82
N VAL B 210 -28.41 21.67 17.49
CA VAL B 210 -27.09 21.27 17.96
C VAL B 210 -27.18 20.16 19.00
N LYS B 211 -28.28 20.10 19.74
CA LYS B 211 -28.40 19.14 20.83
C LYS B 211 -28.31 17.71 20.33
N ALA B 212 -28.96 17.40 19.20
CA ALA B 212 -28.85 16.07 18.62
C ALA B 212 -27.43 15.80 18.15
N ALA B 213 -26.78 16.80 17.55
CA ALA B 213 -25.43 16.61 17.02
C ALA B 213 -24.45 16.30 18.14
N THR B 214 -24.68 16.85 19.33
CA THR B 214 -23.81 16.54 20.46
C THR B 214 -23.83 15.06 20.79
N ARG B 215 -25.03 14.48 20.92
CA ARG B 215 -25.12 13.05 21.20
C ARG B 215 -24.59 12.22 20.05
N VAL B 216 -24.79 12.68 18.81
CA VAL B 216 -24.27 11.95 17.66
C VAL B 216 -22.75 11.87 17.73
N GLN B 217 -22.10 13.00 18.02
CA GLN B 217 -20.65 13.01 18.15
C GLN B 217 -20.19 12.14 19.30
N ASP B 218 -20.91 12.19 20.43
CA ASP B 218 -20.55 11.34 21.57
C ASP B 218 -20.60 9.87 21.18
N ALA B 219 -21.70 9.45 20.54
CA ALA B 219 -21.85 8.05 20.17
C ALA B 219 -20.79 7.61 19.18
N PHE B 220 -20.45 8.47 18.21
CA PHE B 220 -19.47 8.05 17.22
C PHE B 220 -18.06 8.02 17.79
N ALA B 221 -17.73 8.93 18.72
CA ALA B 221 -16.46 8.81 19.41
C ALA B 221 -16.38 7.52 20.21
N ALA B 222 -17.49 7.16 20.88
CA ALA B 222 -17.52 5.89 21.60
C ALA B 222 -17.33 4.72 20.66
N ALA B 223 -17.94 4.78 19.47
CA ALA B 223 -17.77 3.72 18.49
C ALA B 223 -16.33 3.61 18.02
N LYS B 224 -15.67 4.75 17.78
CA LYS B 224 -14.26 4.74 17.40
C LYS B 224 -13.42 4.07 18.46
N LEU B 225 -13.63 4.45 19.72
CA LEU B 225 -12.86 3.86 20.81
C LEU B 225 -13.13 2.36 20.92
N LEU B 226 -14.38 1.94 20.75
CA LEU B 226 -14.72 0.53 20.82
C LEU B 226 -14.02 -0.25 19.71
N ALA B 227 -14.01 0.30 18.49
CA ALA B 227 -13.36 -0.39 17.39
C ALA B 227 -11.86 -0.52 17.62
N LEU B 228 -11.23 0.55 18.11
CA LEU B 228 -9.79 0.47 18.40
C LEU B 228 -9.52 -0.54 19.51
N ALA B 229 -10.38 -0.57 20.54
CA ALA B 229 -10.21 -1.54 21.61
C ALA B 229 -10.36 -2.97 21.10
N LEU B 230 -11.30 -3.20 20.18
CA LEU B 230 -11.44 -4.52 19.58
C LEU B 230 -10.20 -4.90 18.79
N ILE B 231 -9.63 -3.95 18.06
CA ILE B 231 -8.39 -4.21 17.33
C ILE B 231 -7.28 -4.62 18.29
N ILE B 232 -7.15 -3.87 19.39
CA ILE B 232 -6.12 -4.18 20.38
C ILE B 232 -6.35 -5.57 20.97
N LEU B 233 -7.60 -5.88 21.30
CA LEU B 233 -7.91 -7.18 21.90
C LEU B 233 -7.56 -8.32 20.95
N LEU B 234 -7.93 -8.19 19.67
CA LEU B 234 -7.61 -9.25 18.71
C LEU B 234 -6.10 -9.38 18.53
N GLY B 235 -5.39 -8.25 18.47
CA GLY B 235 -3.94 -8.31 18.34
C GLY B 235 -3.27 -8.98 19.52
N PHE B 236 -3.83 -8.78 20.72
CA PHE B 236 -3.25 -9.43 21.90
C PHE B 236 -3.62 -10.91 21.96
N VAL B 237 -4.84 -11.26 21.53
CA VAL B 237 -5.25 -12.66 21.55
C VAL B 237 -4.45 -13.47 20.54
N GLN B 238 -4.14 -12.89 19.37
CA GLN B 238 -3.37 -13.64 18.38
C GLN B 238 -1.93 -13.86 18.84
N ILE B 239 -1.51 -13.20 19.92
CA ILE B 239 -0.27 -13.56 20.61
C ILE B 239 -0.52 -14.51 21.78
N GLY B 240 -1.67 -14.39 22.45
CA GLY B 240 -1.94 -15.20 23.63
C GLY B 240 -1.95 -16.70 23.38
N LYS B 241 -2.18 -17.12 22.15
CA LYS B 241 -2.16 -18.55 21.83
C LYS B 241 -0.75 -19.12 21.85
N GLY B 242 0.28 -18.28 21.84
CA GLY B 242 1.65 -18.76 21.91
C GLY B 242 2.35 -18.77 20.57
N ASP B 243 3.17 -17.76 20.32
CA ASP B 243 3.92 -17.66 19.07
C ASP B 243 5.05 -16.66 19.24
N VAL B 244 6.16 -16.90 18.55
CA VAL B 244 7.28 -15.95 18.59
C VAL B 244 6.89 -14.63 17.95
N SER B 245 6.18 -14.69 16.82
CA SER B 245 5.64 -13.52 16.13
C SER B 245 6.72 -12.51 15.77
N ASN B 246 7.92 -12.98 15.43
CA ASN B 246 9.06 -12.21 14.93
C ASN B 246 9.24 -10.86 15.61
N LEU B 247 8.98 -10.80 16.92
CA LEU B 247 9.16 -9.56 17.65
C LEU B 247 10.58 -9.41 18.17
N ASP B 248 11.25 -10.52 18.43
CA ASP B 248 12.65 -10.49 18.88
C ASP B 248 13.58 -9.85 17.87
N PRO B 249 13.54 -10.17 16.57
CA PRO B 249 14.43 -9.48 15.62
C PRO B 249 14.01 -8.03 15.44
N ASN B 250 14.89 -7.12 15.84
CA ASN B 250 14.64 -5.69 15.74
C ASN B 250 15.89 -5.01 15.19
N PHE B 251 15.68 -3.86 14.56
CA PHE B 251 16.75 -3.08 13.94
C PHE B 251 17.50 -3.88 12.90
N SER B 252 16.81 -4.78 12.20
CA SER B 252 17.46 -5.62 11.20
C SER B 252 18.00 -4.82 10.02
N PHE B 253 17.23 -3.84 9.53
CA PHE B 253 17.65 -3.00 8.40
C PHE B 253 17.46 -1.53 8.76
N GLU B 254 17.80 -1.18 10.00
CA GLU B 254 17.64 0.19 10.47
C GLU B 254 18.50 1.16 9.67
N GLY B 255 19.74 0.77 9.38
CA GLY B 255 20.64 1.67 8.68
C GLY B 255 21.02 2.84 9.54
N THR B 256 20.82 4.05 9.01
CA THR B 256 21.11 5.27 9.73
C THR B 256 20.39 6.42 9.06
N LYS B 257 20.33 7.56 9.75
CA LYS B 257 19.74 8.77 9.18
C LYS B 257 20.63 9.29 8.05
N LEU B 258 20.13 9.21 6.82
CA LEU B 258 20.91 9.62 5.66
C LEU B 258 21.15 11.12 5.66
N ASP B 259 22.01 11.56 4.74
CA ASP B 259 22.28 12.99 4.59
C ASP B 259 21.00 13.74 4.24
N VAL B 260 20.20 13.19 3.32
CA VAL B 260 18.88 13.75 3.05
C VAL B 260 17.96 13.58 4.25
N GLY B 261 18.11 12.47 4.97
CA GLY B 261 17.28 12.18 6.12
C GLY B 261 16.53 10.87 5.99
N ASN B 262 16.78 9.93 6.90
CA ASN B 262 16.11 8.63 6.86
C ASN B 262 15.17 8.46 8.05
N ILE B 263 15.66 8.60 9.28
CA ILE B 263 14.76 8.53 10.44
C ILE B 263 13.88 9.76 10.51
N VAL B 264 14.43 10.91 10.11
CA VAL B 264 13.65 12.15 10.10
C VAL B 264 12.52 12.07 9.08
N LEU B 265 12.75 11.35 7.98
CA LEU B 265 11.77 11.30 6.90
C LEU B 265 10.44 10.68 7.33
N ALA B 266 10.41 9.95 8.45
CA ALA B 266 9.17 9.33 8.90
C ALA B 266 8.32 10.24 9.78
N LEU B 267 8.88 11.34 10.29
CA LEU B 267 8.12 12.17 11.22
C LEU B 267 7.02 12.96 10.54
N TYR B 268 7.29 13.52 9.35
CA TYR B 268 6.26 14.33 8.69
C TYR B 268 5.15 13.48 8.11
N SER B 269 5.28 12.15 8.17
CA SER B 269 4.21 11.23 7.84
C SER B 269 3.52 10.69 9.08
N GLY B 270 4.27 10.45 10.15
CA GLY B 270 3.65 10.03 11.41
C GLY B 270 2.80 11.11 12.04
N LEU B 271 3.21 12.38 11.89
CA LEU B 271 2.49 13.48 12.52
C LEU B 271 1.11 13.68 11.92
N PHE B 272 0.86 13.10 10.74
CA PHE B 272 -0.43 13.29 10.08
C PHE B 272 -1.58 12.75 10.92
N ALA B 273 -1.41 11.57 11.51
CA ALA B 273 -2.47 10.98 12.32
C ALA B 273 -2.69 11.74 13.63
N TYR B 274 -1.68 12.47 14.09
CA TYR B 274 -1.78 13.24 15.33
C TYR B 274 -2.40 14.61 15.13
N GLY B 275 -2.78 14.95 13.90
CA GLY B 275 -3.40 16.24 13.65
C GLY B 275 -4.79 16.33 14.23
N GLY B 276 -5.32 17.54 14.23
CA GLY B 276 -6.62 17.82 14.77
C GLY B 276 -6.69 18.01 16.27
N TRP B 277 -5.58 18.38 16.90
CA TRP B 277 -5.51 18.58 18.34
C TRP B 277 -5.88 20.00 18.76
N ASN B 278 -6.37 20.82 17.84
CA ASN B 278 -6.80 22.17 18.17
C ASN B 278 -8.22 22.48 17.74
N TYR B 279 -9.00 21.48 17.31
CA TYR B 279 -10.38 21.74 16.91
C TYR B 279 -11.22 22.19 18.10
N LEU B 280 -10.94 21.68 19.29
CA LEU B 280 -11.71 22.10 20.46
C LEU B 280 -11.53 23.58 20.74
N ASN B 281 -10.37 24.13 20.40
CA ASN B 281 -10.13 25.56 20.58
C ASN B 281 -10.88 26.40 19.56
N PHE B 282 -11.45 25.79 18.51
CA PHE B 282 -12.24 26.56 17.55
C PHE B 282 -13.59 26.95 18.14
N VAL B 283 -14.22 26.07 18.91
CA VAL B 283 -15.56 26.31 19.41
C VAL B 283 -15.53 26.67 20.88
N THR B 284 -14.41 27.20 21.34
CA THR B 284 -14.35 27.71 22.71
C THR B 284 -15.31 28.89 22.86
N GLU B 285 -15.52 29.28 24.11
CA GLU B 285 -16.52 30.23 24.61
C GLU B 285 -17.94 29.70 24.43
N GLU B 286 -18.10 28.52 23.83
CA GLU B 286 -19.36 27.78 23.83
C GLU B 286 -19.39 26.71 24.91
N MET B 287 -18.34 26.62 25.72
CA MET B 287 -18.25 25.60 26.77
C MET B 287 -18.64 26.19 28.11
N ILE B 288 -19.29 25.36 28.94
CA ILE B 288 -19.68 25.78 30.27
C ILE B 288 -18.45 25.78 31.16
N ASN B 289 -18.03 26.98 31.60
CA ASN B 289 -16.85 27.17 32.42
C ASN B 289 -15.62 26.60 31.71
N PRO B 290 -15.18 27.22 30.61
CA PRO B 290 -14.05 26.64 29.85
C PRO B 290 -12.76 26.59 30.63
N TYR B 291 -12.61 27.44 31.65
CA TYR B 291 -11.32 27.67 32.31
C TYR B 291 -10.65 26.39 32.77
N ARG B 292 -11.40 25.53 33.46
CA ARG B 292 -10.84 24.25 33.87
C ARG B 292 -11.18 23.12 32.91
N ASN B 293 -12.30 23.23 32.19
CA ASN B 293 -12.76 22.13 31.36
C ASN B 293 -11.85 21.91 30.15
N LEU B 294 -11.46 22.99 29.48
CA LEU B 294 -10.61 22.83 28.29
C LEU B 294 -9.27 22.18 28.61
N PRO B 295 -8.48 22.65 29.60
CA PRO B 295 -7.23 21.93 29.90
C PRO B 295 -7.47 20.50 30.36
N LEU B 296 -8.54 20.27 31.12
CA LEU B 296 -8.86 18.90 31.54
C LEU B 296 -9.17 18.03 30.33
N ALA B 297 -9.92 18.58 29.36
CA ALA B 297 -10.22 17.82 28.15
C ALA B 297 -8.96 17.46 27.39
N ILE B 298 -8.05 18.43 27.25
CA ILE B 298 -6.79 18.17 26.54
C ILE B 298 -5.98 17.09 27.26
N ILE B 299 -5.87 17.21 28.59
CA ILE B 299 -5.05 16.27 29.37
C ILE B 299 -5.65 14.88 29.32
N ILE B 300 -6.98 14.78 29.29
CA ILE B 300 -7.62 13.48 29.14
C ILE B 300 -7.37 12.92 27.75
N SER B 301 -7.47 13.76 26.72
CA SER B 301 -7.51 13.26 25.35
C SER B 301 -6.15 12.81 24.85
N LEU B 302 -5.09 13.58 25.11
CA LEU B 302 -3.84 13.34 24.38
C LEU B 302 -3.12 12.06 24.79
N PRO B 303 -2.77 11.84 26.06
CA PRO B 303 -2.02 10.62 26.39
C PRO B 303 -2.75 9.34 26.02
N ILE B 304 -4.07 9.31 26.18
CA ILE B 304 -4.81 8.08 25.89
C ILE B 304 -4.76 7.76 24.40
N VAL B 305 -4.91 8.77 23.54
CA VAL B 305 -4.87 8.50 22.11
C VAL B 305 -3.46 8.14 21.67
N THR B 306 -2.43 8.75 22.27
CA THR B 306 -1.07 8.37 21.93
C THR B 306 -0.79 6.91 22.29
N LEU B 307 -1.20 6.49 23.50
CA LEU B 307 -0.98 5.11 23.89
C LEU B 307 -1.80 4.16 23.03
N VAL B 308 -3.00 4.57 22.63
CA VAL B 308 -3.82 3.72 21.76
C VAL B 308 -3.12 3.52 20.41
N TYR B 309 -2.59 4.60 19.84
CA TYR B 309 -1.89 4.46 18.56
C TYR B 309 -0.64 3.58 18.68
N VAL B 310 0.14 3.75 19.75
CA VAL B 310 1.34 2.93 19.85
C VAL B 310 0.99 1.46 20.05
N LEU B 311 -0.06 1.19 20.84
CA LEU B 311 -0.50 -0.19 21.02
C LEU B 311 -1.06 -0.77 19.73
N THR B 312 -1.75 0.04 18.93
CA THR B 312 -2.25 -0.45 17.65
C THR B 312 -1.11 -0.76 16.69
N ASN B 313 -0.06 0.08 16.69
CA ASN B 313 1.11 -0.23 15.87
C ASN B 313 1.77 -1.53 16.32
N LEU B 314 1.88 -1.73 17.63
CA LEU B 314 2.38 -3.01 18.14
C LEU B 314 1.51 -4.17 17.69
N ALA B 315 0.19 -4.01 17.75
CA ALA B 315 -0.71 -5.08 17.35
C ALA B 315 -0.56 -5.42 15.88
N TYR B 316 -0.43 -4.40 15.02
CA TYR B 316 -0.19 -4.66 13.60
C TYR B 316 1.14 -5.38 13.39
N PHE B 317 2.19 -4.94 14.08
CA PHE B 317 3.50 -5.54 13.88
C PHE B 317 3.55 -7.00 14.36
N THR B 318 2.80 -7.31 15.43
CA THR B 318 2.84 -8.66 15.99
C THR B 318 2.06 -9.68 15.16
N THR B 319 1.31 -9.24 14.15
CA THR B 319 0.50 -10.17 13.37
C THR B 319 0.86 -10.24 11.90
N LEU B 320 1.54 -9.24 11.35
CA LEU B 320 1.84 -9.19 9.93
C LEU B 320 3.33 -8.97 9.72
N SER B 321 3.88 -9.67 8.73
CA SER B 321 5.29 -9.52 8.40
C SER B 321 5.53 -8.23 7.61
N THR B 322 6.79 -7.85 7.51
CA THR B 322 7.15 -6.63 6.79
C THR B 322 6.80 -6.75 5.31
N GLU B 323 7.12 -7.88 4.70
CA GLU B 323 6.83 -8.06 3.27
C GLU B 323 5.33 -8.01 3.00
N GLN B 324 4.53 -8.63 3.86
CA GLN B 324 3.08 -8.61 3.67
C GLN B 324 2.54 -7.19 3.78
N MET B 325 3.03 -6.42 4.76
CA MET B 325 2.59 -5.04 4.89
C MET B 325 2.99 -4.21 3.68
N LEU B 326 4.21 -4.40 3.19
CA LEU B 326 4.65 -3.64 2.02
C LEU B 326 3.82 -3.98 0.78
N SER B 327 3.36 -5.24 0.68
CA SER B 327 2.59 -5.69 -0.46
C SER B 327 1.09 -5.46 -0.28
N SER B 328 0.70 -4.51 0.56
CA SER B 328 -0.69 -4.25 0.85
C SER B 328 -0.97 -2.75 0.79
N GLU B 329 -2.25 -2.42 0.70
CA GLU B 329 -2.71 -1.03 0.73
C GLU B 329 -3.53 -0.72 1.97
N ALA B 330 -4.50 -1.57 2.31
CA ALA B 330 -5.34 -1.39 3.49
C ALA B 330 -4.95 -2.46 4.50
N VAL B 331 -4.13 -2.08 5.49
CA VAL B 331 -3.70 -3.02 6.51
C VAL B 331 -4.88 -3.45 7.37
N ALA B 332 -5.83 -2.55 7.61
CA ALA B 332 -6.98 -2.89 8.44
C ALA B 332 -7.79 -4.03 7.85
N VAL B 333 -7.98 -4.02 6.53
CA VAL B 333 -8.74 -5.10 5.88
C VAL B 333 -8.02 -6.42 6.03
N ASP B 334 -6.70 -6.42 5.84
CA ASP B 334 -5.93 -7.66 6.00
C ASP B 334 -6.03 -8.18 7.43
N PHE B 335 -5.88 -7.30 8.41
CA PHE B 335 -5.98 -7.73 9.80
C PHE B 335 -7.38 -8.27 10.11
N GLY B 336 -8.42 -7.61 9.57
CA GLY B 336 -9.78 -8.04 9.80
C GLY B 336 -10.10 -9.39 9.22
N ASN B 337 -9.77 -9.61 7.94
CA ASN B 337 -10.11 -10.87 7.32
C ASN B 337 -9.12 -11.98 7.64
N TYR B 338 -7.99 -11.64 8.28
CA TYR B 338 -7.00 -12.67 8.57
C TYR B 338 -7.42 -13.52 9.77
N HIS B 339 -7.60 -12.89 10.94
CA HIS B 339 -7.91 -13.63 12.16
C HIS B 339 -9.40 -13.68 12.49
N LEU B 340 -10.27 -13.30 11.56
CA LEU B 340 -11.70 -13.38 11.82
C LEU B 340 -12.47 -14.11 10.72
N GLY B 341 -11.94 -14.18 9.50
CA GLY B 341 -12.55 -15.01 8.48
C GLY B 341 -13.91 -14.51 8.06
N VAL B 342 -14.91 -15.40 8.13
CA VAL B 342 -16.26 -15.04 7.73
C VAL B 342 -16.78 -13.95 8.67
N MET B 343 -17.73 -13.16 8.15
CA MET B 343 -18.29 -12.00 8.87
C MET B 343 -17.21 -10.96 9.17
N SER B 344 -16.19 -10.88 8.31
CA SER B 344 -15.14 -9.88 8.49
C SER B 344 -15.61 -8.47 8.23
N TRP B 345 -16.78 -8.29 7.61
CA TRP B 345 -17.30 -6.97 7.27
C TRP B 345 -17.41 -6.06 8.48
N ILE B 346 -17.35 -6.60 9.69
CA ILE B 346 -17.38 -5.76 10.88
C ILE B 346 -16.21 -4.80 10.90
N ILE B 347 -15.01 -5.29 10.56
CA ILE B 347 -13.82 -4.46 10.63
C ILE B 347 -13.87 -3.26 9.70
N PRO B 348 -14.15 -3.41 8.38
CA PRO B 348 -14.18 -2.23 7.52
C PRO B 348 -15.33 -1.28 7.84
N VAL B 349 -16.53 -1.84 8.04
CA VAL B 349 -17.72 -1.00 8.21
C VAL B 349 -17.53 -0.04 9.37
N PHE B 350 -17.11 -0.57 10.53
CA PHE B 350 -16.85 0.29 11.68
C PHE B 350 -15.91 1.43 11.32
N VAL B 351 -14.83 1.11 10.59
CA VAL B 351 -13.90 2.15 10.15
C VAL B 351 -14.65 3.24 9.41
N GLY B 352 -15.46 2.85 8.43
CA GLY B 352 -16.25 3.83 7.71
C GLY B 352 -17.13 4.62 8.64
N LEU B 353 -17.82 3.92 9.55
CA LEU B 353 -18.68 4.60 10.50
C LEU B 353 -17.90 5.65 11.27
N SER B 354 -16.66 5.33 11.65
CA SER B 354 -15.82 6.30 12.35
C SER B 354 -15.75 7.60 11.57
N CYS B 355 -15.40 7.50 10.28
CA CYS B 355 -15.23 8.71 9.47
C CYS B 355 -16.50 9.55 9.50
N PHE B 356 -17.67 8.89 9.52
CA PHE B 356 -18.93 9.62 9.62
C PHE B 356 -18.86 10.65 10.74
N GLY B 357 -18.61 10.19 11.97
CA GLY B 357 -18.56 11.10 13.09
C GLY B 357 -17.56 12.21 12.87
N SER B 358 -16.40 11.87 12.30
CA SER B 358 -15.37 12.88 12.05
C SER B 358 -15.95 14.05 11.27
N VAL B 359 -16.67 13.77 10.19
CA VAL B 359 -17.22 14.83 9.37
C VAL B 359 -18.07 15.76 10.23
N ASN B 360 -18.94 15.18 11.05
CA ASN B 360 -19.80 15.98 11.91
C ASN B 360 -18.97 16.96 12.72
N GLY B 361 -17.91 16.45 13.37
CA GLY B 361 -17.09 17.31 14.19
C GLY B 361 -16.58 18.50 13.40
N SER B 362 -16.08 18.24 12.20
CA SER B 362 -15.56 19.33 11.37
C SER B 362 -16.61 20.41 11.18
N LEU B 363 -17.83 20.01 10.80
CA LEU B 363 -18.88 21.00 10.62
C LEU B 363 -19.11 21.77 11.91
N PHE B 364 -19.19 21.05 13.04
CA PHE B 364 -19.49 21.71 14.30
C PHE B 364 -18.43 22.74 14.67
N THR B 365 -17.24 22.65 14.06
CA THR B 365 -16.27 23.72 14.26
C THR B 365 -16.36 24.75 13.16
N SER B 366 -16.44 24.30 11.90
CA SER B 366 -16.20 25.18 10.76
C SER B 366 -17.17 26.36 10.77
N SER B 367 -18.47 26.06 10.83
CA SER B 367 -19.46 27.12 10.85
C SER B 367 -19.19 28.11 11.97
N ARG B 368 -18.83 27.62 13.15
CA ARG B 368 -18.60 28.51 14.28
C ARG B 368 -17.51 29.51 13.95
N LEU B 369 -16.43 29.06 13.29
CA LEU B 369 -15.38 29.98 12.89
C LEU B 369 -15.94 31.11 12.04
N PHE B 370 -16.81 30.78 11.08
CA PHE B 370 -17.42 31.81 10.26
C PHE B 370 -18.26 32.75 11.11
N PHE B 371 -19.00 32.19 12.08
CA PHE B 371 -19.78 33.03 12.97
C PHE B 371 -18.90 34.03 13.70
N VAL B 372 -17.63 33.69 13.91
CA VAL B 372 -16.70 34.64 14.52
C VAL B 372 -16.38 35.76 13.54
N GLY B 373 -16.10 35.40 12.29
CA GLY B 373 -15.53 36.38 11.36
C GLY B 373 -16.43 37.57 11.12
N SER B 374 -17.70 37.32 10.83
CA SER B 374 -18.62 38.41 10.57
C SER B 374 -18.79 39.32 11.78
N ARG B 375 -18.42 38.85 12.97
CA ARG B 375 -18.44 39.72 14.15
C ARG B 375 -17.46 40.87 13.99
N GLU B 376 -16.27 40.59 13.46
CA GLU B 376 -15.29 41.67 13.28
C GLU B 376 -15.66 42.55 12.11
N GLY B 377 -16.17 41.98 11.03
CA GLY B 377 -16.51 42.73 9.85
C GLY B 377 -15.79 42.24 8.61
N HIS B 378 -14.88 41.28 8.80
CA HIS B 378 -14.15 40.71 7.68
C HIS B 378 -15.06 39.96 6.72
N LEU B 379 -16.21 39.50 7.18
CA LEU B 379 -17.11 38.67 6.41
C LEU B 379 -18.38 39.43 6.06
N PRO B 380 -19.12 38.99 5.06
CA PRO B 380 -20.44 39.58 4.80
C PRO B 380 -21.32 39.47 6.03
N SER B 381 -22.14 40.50 6.25
CA SER B 381 -22.90 40.60 7.50
C SER B 381 -23.88 39.45 7.65
N ILE B 382 -24.26 38.81 6.55
CA ILE B 382 -25.22 37.71 6.64
C ILE B 382 -24.60 36.48 7.30
N LEU B 383 -23.30 36.26 7.13
CA LEU B 383 -22.74 35.03 7.68
C LEU B 383 -22.50 35.15 9.17
N SER B 384 -23.49 35.69 9.87
CA SER B 384 -23.55 35.60 11.32
C SER B 384 -25.00 35.45 11.79
N MET B 385 -25.94 35.31 10.86
CA MET B 385 -27.36 35.33 11.14
C MET B 385 -27.75 34.08 11.94
N ILE B 386 -28.81 34.22 12.73
CA ILE B 386 -29.30 33.13 13.56
C ILE B 386 -30.81 33.02 13.41
N HIS B 387 -31.29 31.81 13.19
CA HIS B 387 -32.73 31.57 13.21
C HIS B 387 -33.29 31.91 14.59
N PRO B 388 -34.38 32.67 14.66
CA PRO B 388 -34.84 33.15 15.98
C PRO B 388 -35.32 32.05 16.92
N GLN B 389 -35.93 31.00 16.38
CA GLN B 389 -36.44 29.92 17.23
C GLN B 389 -35.48 28.75 17.33
N LEU B 390 -34.59 28.61 16.34
CA LEU B 390 -33.57 27.57 16.39
C LEU B 390 -32.22 28.26 16.34
N LEU B 391 -31.42 28.17 17.39
CA LEU B 391 -30.14 28.90 17.44
C LEU B 391 -29.16 28.55 16.31
N THR B 392 -29.31 27.38 15.71
CA THR B 392 -28.39 26.96 14.66
C THR B 392 -28.10 28.07 13.65
N PRO B 393 -26.82 28.42 13.46
CA PRO B 393 -26.44 29.42 12.45
C PRO B 393 -26.59 28.90 11.03
N VAL B 394 -27.81 28.99 10.50
CA VAL B 394 -28.12 28.33 9.22
C VAL B 394 -27.25 28.82 8.07
N PRO B 395 -27.09 30.13 7.82
CA PRO B 395 -26.30 30.54 6.64
C PRO B 395 -24.88 30.02 6.65
N SER B 396 -24.23 29.97 7.82
CA SER B 396 -22.86 29.46 7.88
C SER B 396 -22.80 27.98 7.48
N LEU B 397 -23.74 27.18 7.97
CA LEU B 397 -23.77 25.77 7.62
C LEU B 397 -24.02 25.59 6.12
N VAL B 398 -24.94 26.36 5.56
CA VAL B 398 -25.20 26.27 4.12
C VAL B 398 -23.95 26.64 3.34
N PHE B 399 -23.27 27.70 3.77
CA PHE B 399 -22.03 28.10 3.11
C PHE B 399 -20.99 26.99 3.16
N THR B 400 -20.83 26.35 4.31
CA THR B 400 -19.83 25.29 4.44
C THR B 400 -20.15 24.11 3.54
N CYS B 401 -21.42 23.66 3.52
CA CYS B 401 -21.74 22.50 2.70
C CYS B 401 -21.63 22.83 1.22
N VAL B 402 -22.01 24.05 0.82
CA VAL B 402 -21.87 24.45 -0.58
C VAL B 402 -20.40 24.46 -0.98
N MET B 403 -19.54 25.00 -0.11
CA MET B 403 -18.11 25.01 -0.41
C MET B 403 -17.55 23.60 -0.54
N THR B 404 -17.95 22.70 0.36
CA THR B 404 -17.48 21.32 0.25
C THR B 404 -17.92 20.67 -1.04
N LEU B 405 -19.20 20.85 -1.41
CA LEU B 405 -19.69 20.24 -2.65
C LEU B 405 -18.99 20.82 -3.87
N LEU B 406 -18.73 22.12 -3.87
CA LEU B 406 -17.96 22.69 -4.98
C LEU B 406 -16.56 22.10 -5.02
N TYR B 407 -15.95 21.91 -3.85
CA TYR B 407 -14.62 21.32 -3.79
C TYR B 407 -14.62 19.86 -4.25
N ALA B 408 -15.79 19.21 -4.23
CA ALA B 408 -15.88 17.84 -4.71
C ALA B 408 -15.41 17.70 -6.15
N PHE B 409 -15.60 18.72 -6.97
CA PHE B 409 -15.17 18.68 -8.37
C PHE B 409 -13.66 18.78 -8.41
N SER B 410 -12.99 17.63 -8.41
CA SER B 410 -11.54 17.58 -8.49
C SER B 410 -11.17 16.53 -9.55
N LYS B 411 -9.87 16.35 -9.76
CA LYS B 411 -9.38 15.38 -10.72
C LYS B 411 -8.60 14.24 -10.10
N ASP B 412 -8.19 14.35 -8.84
CA ASP B 412 -7.41 13.31 -8.17
C ASP B 412 -7.46 13.56 -6.68
N ILE B 413 -6.76 12.73 -5.92
CA ILE B 413 -6.67 12.85 -4.47
C ILE B 413 -5.23 13.21 -4.11
N PHE B 414 -5.06 13.74 -2.89
CA PHE B 414 -3.78 14.11 -2.31
C PHE B 414 -3.15 15.31 -3.00
N SER B 415 -3.83 15.93 -3.97
CA SER B 415 -3.28 17.08 -4.67
C SER B 415 -3.19 18.30 -3.78
N VAL B 416 -4.05 18.40 -2.77
CA VAL B 416 -4.05 19.54 -1.87
C VAL B 416 -3.39 19.22 -0.52
N ILE B 417 -3.45 17.97 -0.07
CA ILE B 417 -2.87 17.57 1.21
C ILE B 417 -1.37 17.84 1.26
N ASN B 418 -0.73 17.98 0.09
CA ASN B 418 0.71 18.20 0.06
C ASN B 418 1.10 19.49 0.77
N PHE B 419 0.37 20.58 0.54
CA PHE B 419 0.64 21.82 1.24
C PHE B 419 -0.24 22.01 2.47
N PHE B 420 -1.08 21.03 2.79
CA PHE B 420 -1.91 21.10 3.99
C PHE B 420 -1.05 21.21 5.23
N SER B 421 -0.02 20.36 5.33
CA SER B 421 0.89 20.41 6.47
C SER B 421 1.62 21.74 6.50
N PHE B 422 2.10 22.20 5.35
CA PHE B 422 2.77 23.50 5.29
C PHE B 422 1.87 24.60 5.85
N PHE B 423 0.61 24.65 5.40
CA PHE B 423 -0.29 25.72 5.81
C PHE B 423 -0.56 25.66 7.31
N ASN B 424 -0.97 24.48 7.81
CA ASN B 424 -1.33 24.42 9.22
C ASN B 424 -0.13 24.64 10.12
N TRP B 425 1.04 24.10 9.74
CA TRP B 425 2.23 24.26 10.57
C TRP B 425 2.70 25.72 10.58
N LEU B 426 2.65 26.40 9.43
CA LEU B 426 3.03 27.80 9.44
C LEU B 426 2.07 28.62 10.28
N CYS B 427 0.76 28.32 10.21
CA CYS B 427 -0.19 29.05 11.03
C CYS B 427 0.10 28.84 12.51
N VAL B 428 0.35 27.60 12.92
CA VAL B 428 0.66 27.31 14.32
C VAL B 428 1.94 28.02 14.74
N ALA B 429 2.96 28.00 13.88
CA ALA B 429 4.24 28.62 14.21
C ALA B 429 4.08 30.12 14.42
N LEU B 430 3.34 30.78 13.52
CA LEU B 430 3.11 32.22 13.67
C LEU B 430 2.33 32.52 14.94
N ALA B 431 1.34 31.67 15.27
CA ALA B 431 0.58 31.88 16.50
C ALA B 431 1.49 31.79 17.73
N ILE B 432 2.34 30.76 17.77
CA ILE B 432 3.19 30.59 18.95
C ILE B 432 4.23 31.70 19.04
N ILE B 433 4.75 32.15 17.89
CA ILE B 433 5.66 33.29 17.91
C ILE B 433 4.96 34.52 18.45
N GLY B 434 3.71 34.76 18.02
CA GLY B 434 2.99 35.91 18.52
C GLY B 434 2.65 35.81 19.99
N MET B 435 2.58 34.59 20.53
CA MET B 435 2.26 34.42 21.95
C MET B 435 3.26 35.17 22.83
N ILE B 436 4.55 34.94 22.63
CA ILE B 436 5.54 35.54 23.52
C ILE B 436 5.66 37.03 23.28
N TRP B 437 5.50 37.49 22.04
CA TRP B 437 5.51 38.92 21.78
C TRP B 437 4.34 39.60 22.48
N LEU B 438 3.16 38.97 22.47
CA LEU B 438 2.02 39.48 23.21
C LEU B 438 2.32 39.53 24.70
N ARG B 439 2.93 38.47 25.24
CA ARG B 439 3.24 38.45 26.66
C ARG B 439 4.20 39.58 27.03
N HIS B 440 5.22 39.81 26.20
CA HIS B 440 6.14 40.91 26.44
C HIS B 440 5.43 42.26 26.38
N ARG B 441 4.58 42.47 25.37
CA ARG B 441 3.90 43.74 25.22
C ARG B 441 2.78 43.93 26.24
N LYS B 442 2.40 42.88 26.97
CA LYS B 442 1.34 42.97 27.96
C LYS B 442 1.57 41.93 29.05
N PRO B 443 2.49 42.17 29.97
CA PRO B 443 2.83 41.15 30.97
C PRO B 443 1.89 41.09 32.17
N GLU B 444 0.83 41.90 32.20
CA GLU B 444 -0.11 41.92 33.32
C GLU B 444 -1.47 41.49 32.83
N LEU B 445 -1.78 40.20 33.00
CA LEU B 445 -3.07 39.64 32.63
C LEU B 445 -3.50 38.59 33.64
N GLU B 446 -4.81 38.34 33.67
CA GLU B 446 -5.40 37.30 34.51
C GLU B 446 -5.38 35.98 33.75
N ARG B 447 -4.18 35.43 33.55
CA ARG B 447 -4.07 34.12 32.90
C ARG B 447 -4.02 33.03 33.97
N PRO B 448 -4.50 31.83 33.65
CA PRO B 448 -4.58 30.76 34.66
C PRO B 448 -3.29 30.18 35.24
N ILE B 449 -2.33 29.75 34.42
CA ILE B 449 -1.14 29.06 34.98
C ILE B 449 0.17 29.86 35.07
N LYS B 450 0.22 31.00 34.39
CA LYS B 450 1.43 31.81 34.39
C LYS B 450 2.63 30.97 34.03
N VAL B 451 2.44 30.00 33.15
CA VAL B 451 3.54 29.12 32.74
C VAL B 451 4.61 29.89 32.00
N ASN B 452 5.87 29.46 32.15
CA ASN B 452 6.98 30.13 31.49
C ASN B 452 7.08 29.79 30.01
N LEU B 453 7.82 30.59 29.26
CA LEU B 453 7.99 30.33 27.84
C LEU B 453 9.08 29.29 27.59
N ALA B 454 9.53 28.64 28.65
CA ALA B 454 10.56 27.61 28.50
C ALA B 454 10.13 26.53 27.51
N LEU B 455 8.94 25.96 27.71
CA LEU B 455 8.48 24.90 26.84
C LEU B 455 8.26 25.33 25.39
N PRO B 456 7.50 26.39 25.10
CA PRO B 456 7.15 26.65 23.69
C PRO B 456 8.35 26.92 22.78
N VAL B 457 9.40 27.58 23.30
CA VAL B 457 10.48 28.06 22.45
C VAL B 457 11.08 26.91 21.66
N PHE B 458 11.46 25.84 22.35
CA PHE B 458 11.96 24.65 21.68
C PHE B 458 10.98 24.17 20.63
N PHE B 459 9.71 24.04 21.01
CA PHE B 459 8.68 23.64 20.06
C PHE B 459 8.71 24.53 18.83
N ILE B 460 8.87 25.83 19.03
CA ILE B 460 8.88 26.76 17.90
C ILE B 460 9.94 26.36 16.90
N LEU B 461 11.16 26.07 17.39
CA LEU B 461 12.23 25.66 16.49
C LEU B 461 11.83 24.43 15.70
N ALA B 462 11.25 23.44 16.38
CA ALA B 462 10.81 22.24 15.68
C ALA B 462 9.84 22.60 14.57
N CYS B 463 8.92 23.52 14.84
CA CYS B 463 7.99 23.98 13.82
C CYS B 463 8.74 24.43 12.58
N LEU B 464 9.76 25.26 12.76
CA LEU B 464 10.52 25.76 11.62
C LEU B 464 11.08 24.60 10.80
N PHE B 465 11.57 23.57 11.48
CA PHE B 465 12.15 22.43 10.78
C PHE B 465 11.18 21.85 9.75
N LEU B 466 9.89 21.83 10.10
CA LEU B 466 8.90 21.27 9.20
C LEU B 466 8.89 22.01 7.87
N ILE B 467 8.95 23.35 7.92
CA ILE B 467 8.96 24.12 6.68
C ILE B 467 10.12 23.67 5.79
N ALA B 468 11.26 23.36 6.39
CA ALA B 468 12.38 22.80 5.63
C ALA B 468 11.91 21.62 4.79
N VAL B 469 11.37 20.59 5.45
CA VAL B 469 10.86 19.43 4.72
C VAL B 469 9.78 19.86 3.76
N SER B 470 8.97 20.85 4.14
CA SER B 470 7.91 21.34 3.27
C SER B 470 8.48 21.85 1.95
N PHE B 471 9.62 22.52 2.00
CA PHE B 471 10.30 22.91 0.76
C PHE B 471 11.34 21.88 0.35
N TRP B 472 10.93 20.61 0.34
CA TRP B 472 11.77 19.54 -0.17
C TRP B 472 11.11 18.78 -1.31
N LYS B 473 9.85 18.38 -1.14
CA LYS B 473 9.21 17.50 -2.12
C LYS B 473 8.68 18.29 -3.31
N THR B 474 7.75 19.20 -3.07
CA THR B 474 7.10 19.97 -4.15
C THR B 474 7.18 21.46 -3.83
N PRO B 475 8.36 22.06 -3.97
CA PRO B 475 8.47 23.52 -3.81
C PRO B 475 7.65 24.28 -4.84
N VAL B 476 7.53 23.75 -6.07
CA VAL B 476 6.74 24.41 -7.09
C VAL B 476 5.27 24.44 -6.70
N GLU B 477 4.79 23.35 -6.08
CA GLU B 477 3.41 23.34 -5.60
C GLU B 477 3.19 24.37 -4.51
N CYS B 478 4.19 24.54 -3.64
CA CYS B 478 4.10 25.59 -2.62
C CYS B 478 4.05 26.98 -3.26
N GLY B 479 4.87 27.20 -4.28
CA GLY B 479 4.83 28.47 -4.99
C GLY B 479 3.49 28.72 -5.65
N ILE B 480 2.89 27.67 -6.22
CA ILE B 480 1.55 27.79 -6.77
C ILE B 480 0.54 28.12 -5.68
N GLY B 481 0.67 27.48 -4.52
CA GLY B 481 -0.25 27.75 -3.42
C GLY B 481 -0.16 29.19 -2.94
N PHE B 482 1.04 29.77 -2.96
CA PHE B 482 1.20 31.17 -2.55
C PHE B 482 0.40 32.10 -3.45
N THR B 483 0.20 31.73 -4.72
CA THR B 483 -0.53 32.58 -5.64
C THR B 483 -1.97 32.81 -5.18
N ILE B 484 -2.57 31.83 -4.50
CA ILE B 484 -3.94 31.98 -4.04
C ILE B 484 -4.03 33.10 -2.99
N ILE B 485 -3.13 33.11 -2.02
CA ILE B 485 -3.19 34.18 -1.02
C ILE B 485 -2.80 35.52 -1.64
N LEU B 486 -1.86 35.51 -2.59
CA LEU B 486 -1.53 36.74 -3.29
C LEU B 486 -2.73 37.32 -4.02
N SER B 487 -3.55 36.46 -4.63
CA SER B 487 -4.80 36.90 -5.23
C SER B 487 -5.85 37.24 -4.18
N GLY B 488 -5.73 36.70 -2.97
CA GLY B 488 -6.65 37.05 -1.90
C GLY B 488 -6.40 38.41 -1.28
N LEU B 489 -5.18 38.93 -1.39
CA LEU B 489 -4.95 40.32 -0.96
C LEU B 489 -5.92 41.31 -1.61
N PRO B 490 -6.14 41.28 -2.94
CA PRO B 490 -7.19 42.13 -3.50
C PRO B 490 -8.56 41.87 -2.92
N VAL B 491 -8.85 40.64 -2.51
CA VAL B 491 -10.13 40.35 -1.87
C VAL B 491 -10.27 41.17 -0.60
N TYR B 492 -9.21 41.24 0.21
CA TYR B 492 -9.21 42.10 1.38
C TYR B 492 -9.40 43.55 0.99
N PHE B 493 -8.65 44.02 -0.02
CA PHE B 493 -8.70 45.43 -0.37
C PHE B 493 -10.06 45.84 -0.94
N PHE B 494 -10.82 44.89 -1.48
CA PHE B 494 -12.08 45.24 -2.14
C PHE B 494 -13.10 45.80 -1.15
N GLY B 495 -13.36 45.08 -0.06
CA GLY B 495 -14.45 45.44 0.81
C GLY B 495 -14.10 45.67 2.27
N VAL B 496 -13.01 45.05 2.73
CA VAL B 496 -12.65 45.15 4.14
C VAL B 496 -12.22 46.58 4.49
N TRP B 497 -11.37 47.16 3.67
CA TRP B 497 -10.81 48.48 3.95
C TRP B 497 -11.46 49.60 3.15
N TRP B 498 -11.67 49.40 1.84
CA TRP B 498 -12.26 50.42 0.98
C TRP B 498 -13.76 50.48 1.23
N LYS B 499 -14.12 51.07 2.38
CA LYS B 499 -15.53 51.21 2.72
C LYS B 499 -16.26 52.14 1.77
N ASN B 500 -15.51 53.02 1.08
CA ASN B 500 -16.12 53.92 0.11
C ASN B 500 -16.66 53.14 -1.07
N LYS B 501 -17.97 53.08 -1.20
CA LYS B 501 -18.63 52.36 -2.27
C LYS B 501 -19.80 53.18 -2.79
N PRO B 502 -20.17 53.02 -4.06
CA PRO B 502 -21.31 53.75 -4.60
C PRO B 502 -22.61 53.31 -3.94
N LYS B 503 -23.58 54.22 -3.91
CA LYS B 503 -24.86 53.95 -3.28
C LYS B 503 -25.56 52.75 -3.92
N TRP B 504 -25.37 52.54 -5.22
CA TRP B 504 -25.99 51.41 -5.90
C TRP B 504 -25.51 50.08 -5.31
N LEU B 505 -24.21 49.98 -5.05
CA LEU B 505 -23.66 48.75 -4.49
C LEU B 505 -24.19 48.48 -3.10
N LEU B 506 -24.27 49.52 -2.26
CA LEU B 506 -24.82 49.35 -0.91
C LEU B 506 -26.28 48.93 -0.97
N GLN B 507 -27.07 49.56 -1.85
CA GLN B 507 -28.46 49.19 -1.98
C GLN B 507 -28.62 47.76 -2.45
N GLY B 508 -27.80 47.34 -3.41
CA GLY B 508 -27.86 45.96 -3.87
C GLY B 508 -27.48 44.97 -2.78
N ILE B 509 -26.45 45.29 -2.00
CA ILE B 509 -26.04 44.41 -0.90
C ILE B 509 -27.17 44.28 0.11
N PHE B 510 -27.79 45.41 0.47
CA PHE B 510 -28.89 45.37 1.42
C PHE B 510 -30.06 44.58 0.89
N SER B 511 -30.39 44.76 -0.40
CA SER B 511 -31.49 44.01 -0.99
C SER B 511 -31.22 42.52 -1.00
N THR B 512 -30.00 42.13 -1.36
CA THR B 512 -29.66 40.71 -1.34
C THR B 512 -29.75 40.13 0.07
N THR B 513 -29.23 40.87 1.05
CA THR B 513 -29.28 40.39 2.43
C THR B 513 -30.71 40.24 2.92
N VAL B 514 -31.57 41.23 2.66
CA VAL B 514 -32.94 41.15 3.13
C VAL B 514 -33.69 40.05 2.39
N LEU B 515 -33.37 39.83 1.12
CA LEU B 515 -33.98 38.73 0.38
C LEU B 515 -33.59 37.39 1.00
N CYS B 516 -32.32 37.22 1.35
CA CYS B 516 -31.89 35.98 1.97
C CYS B 516 -32.55 35.79 3.34
N GLN B 517 -32.65 36.87 4.12
CA GLN B 517 -33.30 36.76 5.42
C GLN B 517 -34.77 36.42 5.28
N LYS B 518 -35.43 36.95 4.26
CA LYS B 518 -36.82 36.57 4.00
C LYS B 518 -36.91 35.10 3.60
N LEU B 519 -35.98 34.64 2.76
CA LEU B 519 -36.03 33.26 2.28
C LEU B 519 -35.85 32.27 3.43
N MET B 520 -34.82 32.48 4.26
CA MET B 520 -34.59 31.65 5.43
C MET B 520 -34.69 32.53 6.67
N GLN B 521 -35.60 32.19 7.58
CA GLN B 521 -35.91 33.04 8.73
C GLN B 521 -34.76 33.10 9.72
N VAL B 522 -34.03 34.21 9.73
CA VAL B 522 -32.89 34.41 10.62
C VAL B 522 -32.92 35.85 11.13
N VAL B 523 -32.54 36.03 12.39
CA VAL B 523 -32.51 37.35 13.01
C VAL B 523 -31.10 37.61 13.53
N PRO B 524 -30.66 38.86 13.63
CA PRO B 524 -29.25 39.12 13.98
C PRO B 524 -28.89 38.70 15.40
N GLN B 525 -27.62 38.81 15.74
CA GLN B 525 -27.09 38.33 17.01
C GLN B 525 -26.81 39.51 17.92
N GLU B 526 -27.25 39.41 19.18
CA GLU B 526 -27.03 40.46 20.16
C GLU B 526 -26.98 39.88 21.57
#